data_3R2J
#
_entry.id   3R2J
#
_cell.length_a   123.386
_cell.length_b   123.386
_cell.length_c   114.993
_cell.angle_alpha   90.00
_cell.angle_beta   90.00
_cell.angle_gamma   90.00
#
_symmetry.space_group_name_H-M   'P 4 21 2'
#
loop_
_entity.id
_entity.type
_entity.pdbx_description
1 polymer 'Alpha/beta-hydrolase-like protein'
2 non-polymer 'ZINC ION'
3 non-polymer 'NICOTINIC ACID'
4 non-polymer 'CHLORIDE ION'
5 water water
#
_entity_poly.entity_id   1
_entity_poly.type   'polypeptide(L)'
_entity_poly.pdbx_seq_one_letter_code
;MAHHHHHHVGTGSNDDDDKSPDPPTLCVTVSSTTDVLIIADMQVDFLAPGGSLHVKGGEALLDGINAVSSQLPFRYQVAT
QDWHPENHCSFVTHGGPWPPHCVQGSAGAQLHAGLHTQRINAVIRKGVTQQADSYSAFVEDNGVSTGLAGLLHSIGARRV
FVCGVAYDFCVFFTAMDARKNGFSVVLLEDLTAAVDDAAWSARTAELKDAGVVLLKSSALVAEGTQT
;
_entity_poly.pdbx_strand_id   A,B,C,D
#
loop_
_chem_comp.id
_chem_comp.type
_chem_comp.name
_chem_comp.formula
CL non-polymer 'CHLORIDE ION' 'Cl -1'
NIO non-polymer 'NICOTINIC ACID' 'C6 H5 N O2'
ZN non-polymer 'ZINC ION' 'Zn 2'
#
# COMPACT_ATOMS: atom_id res chain seq x y z
N THR A 25 14.97 -27.96 -50.80
CA THR A 25 14.57 -29.37 -51.03
C THR A 25 15.59 -30.32 -50.40
N LEU A 26 15.78 -30.20 -49.10
CA LEU A 26 16.78 -30.96 -48.35
C LEU A 26 16.14 -31.67 -47.17
N CYS A 27 15.90 -32.97 -47.30
CA CYS A 27 15.04 -33.69 -46.35
C CYS A 27 15.73 -34.32 -45.13
N VAL A 28 14.92 -34.80 -44.19
CA VAL A 28 15.44 -35.46 -42.99
C VAL A 28 14.56 -36.67 -42.66
N THR A 29 15.08 -37.86 -42.96
CA THR A 29 14.31 -39.08 -42.80
C THR A 29 14.33 -39.56 -41.35
N VAL A 30 13.14 -39.86 -40.82
CA VAL A 30 12.98 -40.18 -39.40
C VAL A 30 12.94 -41.69 -39.10
N SER A 31 13.81 -42.08 -38.17
CA SER A 31 14.07 -43.47 -37.83
C SER A 31 13.23 -43.96 -36.65
N SER A 32 12.76 -45.19 -36.74
CA SER A 32 12.01 -45.82 -35.65
C SER A 32 12.92 -46.46 -34.60
N THR A 33 14.23 -46.34 -34.77
CA THR A 33 15.18 -46.89 -33.81
C THR A 33 15.92 -45.81 -33.02
N THR A 34 16.20 -44.68 -33.66
CA THR A 34 17.04 -43.63 -33.07
C THR A 34 16.33 -42.30 -32.79
N ASP A 35 15.30 -41.98 -33.57
CA ASP A 35 14.68 -40.65 -33.51
C ASP A 35 13.55 -40.55 -32.50
N VAL A 36 13.63 -39.50 -31.69
CA VAL A 36 12.69 -39.26 -30.60
C VAL A 36 12.14 -37.84 -30.70
N LEU A 37 10.82 -37.70 -30.50
CA LEU A 37 10.14 -36.42 -30.56
C LEU A 37 9.78 -35.92 -29.17
N ILE A 38 10.11 -34.67 -28.88
CA ILE A 38 9.73 -34.03 -27.61
C ILE A 38 8.76 -32.88 -27.89
N ILE A 39 7.57 -32.97 -27.31
CA ILE A 39 6.56 -31.91 -27.44
C ILE A 39 6.59 -31.06 -26.16
N ALA A 40 7.03 -29.81 -26.29
CA ALA A 40 7.29 -29.01 -25.13
C ALA A 40 6.10 -28.19 -24.61
N ASP A 41 5.60 -28.57 -23.42
CA ASP A 41 4.62 -27.78 -22.64
C ASP A 41 3.42 -27.31 -23.45
N MET A 42 2.69 -28.23 -24.06
CA MET A 42 1.46 -27.85 -24.75
C MET A 42 0.28 -27.90 -23.79
N GLN A 43 0.28 -26.97 -22.84
CA GLN A 43 -0.66 -27.01 -21.73
C GLN A 43 -1.65 -25.87 -21.81
N VAL A 44 -2.71 -25.98 -21.01
CA VAL A 44 -3.84 -25.07 -21.03
C VAL A 44 -3.45 -23.60 -20.82
N ASP A 45 -2.53 -23.36 -19.90
CA ASP A 45 -2.14 -21.99 -19.52
C ASP A 45 -1.40 -21.20 -20.59
N PHE A 46 -0.63 -21.92 -21.40
CA PHE A 46 0.20 -21.28 -22.39
C PHE A 46 -0.61 -21.04 -23.66
N LEU A 47 -1.68 -21.82 -23.80
CA LEU A 47 -2.35 -21.98 -25.09
C LEU A 47 -3.79 -21.47 -25.11
N ALA A 48 -4.58 -21.85 -24.11
CA ALA A 48 -6.02 -21.61 -24.12
C ALA A 48 -6.36 -20.16 -23.79
N PRO A 49 -7.53 -19.67 -24.30
CA PRO A 49 -8.12 -18.39 -23.83
C PRO A 49 -8.31 -18.44 -22.32
N GLY A 50 -8.08 -17.33 -21.64
CA GLY A 50 -8.11 -17.31 -20.17
C GLY A 50 -7.02 -18.12 -19.47
N GLY A 51 -6.07 -18.67 -20.24
CA GLY A 51 -4.85 -19.23 -19.65
C GLY A 51 -4.00 -18.11 -19.08
N SER A 52 -3.29 -18.39 -17.99
CA SER A 52 -2.64 -17.33 -17.22
C SER A 52 -1.35 -16.78 -17.84
N LEU A 53 -0.74 -17.54 -18.76
CA LEU A 53 0.54 -17.16 -19.37
C LEU A 53 0.56 -17.49 -20.86
N HIS A 54 0.00 -16.60 -21.67
CA HIS A 54 -0.33 -16.91 -23.04
C HIS A 54 0.80 -16.72 -24.04
N VAL A 55 1.11 -17.80 -24.76
CA VAL A 55 2.05 -17.73 -25.86
C VAL A 55 1.29 -17.45 -27.16
N LYS A 56 1.55 -16.29 -27.74
CA LYS A 56 0.84 -15.87 -28.94
C LYS A 56 1.12 -16.85 -30.07
N GLY A 57 0.06 -17.36 -30.69
CA GLY A 57 0.21 -18.29 -31.81
C GLY A 57 0.49 -19.73 -31.39
N GLY A 58 0.43 -19.98 -30.08
CA GLY A 58 0.67 -21.30 -29.51
C GLY A 58 -0.39 -22.33 -29.83
N GLU A 59 -1.67 -21.93 -29.77
CA GLU A 59 -2.77 -22.82 -30.14
C GLU A 59 -2.66 -23.27 -31.61
N ALA A 60 -2.26 -22.37 -32.48
CA ALA A 60 -2.17 -22.62 -33.92
C ALA A 60 -1.18 -23.73 -34.28
N LEU A 61 -0.29 -24.08 -33.35
CA LEU A 61 0.67 -25.14 -33.57
C LEU A 61 0.02 -26.52 -33.58
N LEU A 62 -1.15 -26.65 -32.95
CA LEU A 62 -1.72 -27.95 -32.67
C LEU A 62 -1.90 -28.84 -33.90
N ASP A 63 -2.30 -28.24 -35.01
CA ASP A 63 -2.44 -28.98 -36.26
C ASP A 63 -1.16 -29.76 -36.62
N GLY A 64 -0.04 -29.03 -36.68
CA GLY A 64 1.23 -29.55 -37.16
C GLY A 64 1.91 -30.56 -36.25
N ILE A 65 1.87 -30.32 -34.94
CA ILE A 65 2.42 -31.27 -34.00
C ILE A 65 1.62 -32.59 -34.06
N ASN A 66 0.29 -32.50 -34.18
CA ASN A 66 -0.54 -33.70 -34.33
C ASN A 66 -0.18 -34.50 -35.60
N ALA A 67 0.17 -33.78 -36.65
CA ALA A 67 0.58 -34.39 -37.91
C ALA A 67 1.93 -35.08 -37.71
N VAL A 68 2.88 -34.36 -37.12
CA VAL A 68 4.21 -34.92 -36.93
C VAL A 68 4.12 -36.13 -35.99
N SER A 69 3.33 -36.00 -34.92
CA SER A 69 3.11 -37.06 -33.94
C SER A 69 2.50 -38.33 -34.53
N SER A 70 1.57 -38.17 -35.46
CA SER A 70 0.84 -39.33 -35.95
C SER A 70 1.34 -39.87 -37.29
N GLN A 71 1.99 -39.03 -38.09
CA GLN A 71 2.41 -39.45 -39.43
C GLN A 71 3.86 -39.92 -39.50
N LEU A 72 4.60 -39.84 -38.40
CA LEU A 72 6.01 -40.21 -38.43
C LEU A 72 6.38 -41.30 -37.41
N PRO A 73 7.21 -42.27 -37.84
CA PRO A 73 7.58 -43.46 -37.06
C PRO A 73 8.72 -43.23 -36.06
N PHE A 74 8.53 -42.26 -35.17
CA PHE A 74 9.50 -42.02 -34.12
C PHE A 74 9.56 -43.24 -33.22
N ARG A 75 10.78 -43.59 -32.79
CA ARG A 75 11.05 -44.56 -31.73
C ARG A 75 10.13 -44.27 -30.53
N TYR A 76 10.09 -43.00 -30.16
CA TYR A 76 9.54 -42.59 -28.89
C TYR A 76 9.11 -41.13 -28.97
N GLN A 77 8.08 -40.77 -28.21
CA GLN A 77 7.62 -39.39 -28.16
C GLN A 77 7.33 -39.02 -26.71
N VAL A 78 7.76 -37.82 -26.31
CA VAL A 78 7.62 -37.39 -24.91
C VAL A 78 6.94 -36.01 -24.83
N ALA A 79 5.86 -35.94 -24.03
CA ALA A 79 5.23 -34.66 -23.72
C ALA A 79 5.76 -34.22 -22.39
N THR A 80 6.25 -32.98 -22.33
CA THR A 80 6.70 -32.39 -21.08
C THR A 80 5.55 -31.60 -20.50
N GLN A 81 5.65 -31.30 -19.20
CA GLN A 81 4.63 -30.54 -18.48
C GLN A 81 5.25 -29.67 -17.41
N ASP A 82 5.12 -28.34 -17.54
CA ASP A 82 5.45 -27.44 -16.44
C ASP A 82 4.46 -27.85 -15.36
N TRP A 83 4.94 -28.05 -14.14
CA TRP A 83 4.13 -28.67 -13.10
C TRP A 83 4.48 -28.09 -11.72
N HIS A 84 3.98 -26.88 -11.46
CA HIS A 84 4.41 -26.08 -10.30
C HIS A 84 3.50 -26.20 -9.09
N PRO A 85 4.10 -26.22 -7.88
CA PRO A 85 3.34 -26.07 -6.63
C PRO A 85 2.80 -24.63 -6.53
N GLU A 86 1.71 -24.43 -5.78
CA GLU A 86 0.95 -23.17 -5.83
C GLU A 86 1.69 -21.94 -5.27
N ASN A 87 2.84 -22.18 -4.66
CA ASN A 87 3.63 -21.12 -4.04
C ASN A 87 5.03 -21.07 -4.63
N HIS A 88 5.13 -21.38 -5.91
CA HIS A 88 6.42 -21.59 -6.59
C HIS A 88 7.31 -20.34 -6.62
N CYS A 89 8.62 -20.55 -6.50
CA CYS A 89 9.60 -19.47 -6.51
C CYS A 89 9.57 -18.60 -7.76
N SER A 90 9.10 -19.15 -8.88
CA SER A 90 9.14 -18.43 -10.15
C SER A 90 7.92 -17.58 -10.38
N PHE A 91 6.96 -17.64 -9.47
CA PHE A 91 5.74 -16.83 -9.57
C PHE A 91 6.06 -15.43 -9.13
N VAL A 92 5.44 -14.44 -9.77
CA VAL A 92 5.60 -13.03 -9.35
C VAL A 92 5.24 -12.81 -7.88
N THR A 93 4.31 -13.60 -7.36
CA THR A 93 3.83 -13.45 -6.00
C THR A 93 4.92 -13.79 -4.97
N HIS A 94 5.95 -14.50 -5.44
CA HIS A 94 7.03 -14.93 -4.59
C HIS A 94 8.36 -14.38 -5.09
N GLY A 95 8.29 -13.37 -5.95
CA GLY A 95 9.47 -12.67 -6.43
C GLY A 95 10.07 -13.19 -7.72
N GLY A 96 9.36 -14.06 -8.42
CA GLY A 96 9.81 -14.58 -9.72
C GLY A 96 9.20 -13.82 -10.89
N PRO A 97 9.50 -14.23 -12.13
CA PRO A 97 9.08 -13.46 -13.33
C PRO A 97 7.63 -13.61 -13.77
N TRP A 98 6.98 -14.72 -13.43
CA TRP A 98 5.74 -15.15 -14.10
C TRP A 98 4.48 -15.19 -13.23
N PRO A 99 3.31 -14.93 -13.84
CA PRO A 99 2.06 -15.11 -13.14
C PRO A 99 1.95 -16.54 -12.67
N PRO A 100 1.19 -16.78 -11.59
CA PRO A 100 0.93 -18.17 -11.23
C PRO A 100 0.45 -18.91 -12.47
N HIS A 101 1.16 -19.96 -12.86
CA HIS A 101 0.87 -20.76 -14.04
C HIS A 101 1.18 -22.24 -13.81
N CYS A 102 0.44 -23.11 -14.50
CA CYS A 102 0.62 -24.56 -14.44
C CYS A 102 0.76 -25.08 -13.02
N VAL A 103 -0.19 -24.74 -12.16
CA VAL A 103 -0.17 -25.29 -10.82
C VAL A 103 -0.54 -26.76 -10.86
N GLN A 104 0.20 -27.56 -10.10
CA GLN A 104 -0.03 -29.00 -10.01
C GLN A 104 -1.49 -29.32 -9.71
N GLY A 105 -2.13 -30.08 -10.61
CA GLY A 105 -3.54 -30.48 -10.48
C GLY A 105 -4.51 -29.31 -10.62
N SER A 106 -4.42 -28.61 -11.73
CA SER A 106 -5.29 -27.48 -11.97
C SER A 106 -5.63 -27.54 -13.44
N ALA A 107 -6.82 -27.02 -13.77
CA ALA A 107 -7.23 -26.88 -15.16
C ALA A 107 -6.05 -26.42 -16.02
N GLY A 108 -5.36 -25.38 -15.54
CA GLY A 108 -4.25 -24.73 -16.25
C GLY A 108 -3.06 -25.60 -16.60
N ALA A 109 -2.73 -26.54 -15.71
CA ALA A 109 -1.57 -27.42 -15.87
C ALA A 109 -1.76 -28.55 -16.88
N GLN A 110 -3.02 -28.85 -17.22
CA GLN A 110 -3.32 -29.94 -18.13
C GLN A 110 -2.77 -29.67 -19.52
N LEU A 111 -2.42 -30.74 -20.21
CA LEU A 111 -2.14 -30.70 -21.63
C LEU A 111 -3.43 -30.33 -22.31
N HIS A 112 -3.30 -29.43 -23.29
CA HIS A 112 -4.43 -28.95 -24.08
C HIS A 112 -5.20 -30.14 -24.65
N ALA A 113 -6.51 -30.15 -24.52
CA ALA A 113 -7.28 -31.28 -25.01
C ALA A 113 -7.04 -31.58 -26.48
N GLY A 114 -6.74 -30.55 -27.26
CA GLY A 114 -6.60 -30.65 -28.71
C GLY A 114 -5.31 -31.29 -29.20
N LEU A 115 -4.39 -31.58 -28.28
CA LEU A 115 -3.20 -32.35 -28.62
C LEU A 115 -3.56 -33.82 -28.56
N HIS A 116 -3.16 -34.55 -29.61
CA HIS A 116 -3.34 -36.01 -29.67
C HIS A 116 -2.21 -36.70 -28.92
N THR A 117 -2.55 -37.28 -27.78
CA THR A 117 -1.59 -37.98 -26.92
C THR A 117 -1.39 -39.45 -27.29
N GLN A 118 -2.13 -39.92 -28.30
CA GLN A 118 -2.15 -41.34 -28.66
C GLN A 118 -0.78 -41.97 -28.92
N ARG A 119 0.17 -41.20 -29.44
CA ARG A 119 1.46 -41.79 -29.81
C ARG A 119 2.59 -41.30 -28.90
N ILE A 120 2.19 -40.80 -27.73
CA ILE A 120 3.14 -40.33 -26.72
C ILE A 120 3.44 -41.49 -25.78
N ASN A 121 4.72 -41.79 -25.60
CA ASN A 121 5.07 -42.94 -24.78
C ASN A 121 5.32 -42.56 -23.34
N ALA A 122 5.44 -41.27 -23.05
CA ALA A 122 5.80 -40.80 -21.71
C ALA A 122 5.53 -39.30 -21.52
N VAL A 123 5.06 -38.95 -20.33
CA VAL A 123 4.92 -37.56 -19.95
C VAL A 123 5.86 -37.26 -18.79
N ILE A 124 6.59 -36.17 -18.92
CA ILE A 124 7.62 -35.78 -17.95
C ILE A 124 7.26 -34.42 -17.36
N ARG A 125 7.21 -34.36 -16.05
CA ARG A 125 6.88 -33.13 -15.36
C ARG A 125 8.13 -32.42 -14.89
N LYS A 126 8.07 -31.09 -14.85
CA LYS A 126 9.25 -30.29 -14.52
C LYS A 126 8.90 -29.06 -13.70
N GLY A 127 9.90 -28.54 -13.00
CA GLY A 127 9.69 -27.38 -12.10
C GLY A 127 8.80 -27.79 -10.94
N VAL A 128 9.12 -28.93 -10.35
CA VAL A 128 8.21 -29.67 -9.50
C VAL A 128 8.32 -29.34 -8.00
N THR A 129 9.43 -28.73 -7.57
CA THR A 129 9.56 -28.34 -6.17
C THR A 129 9.48 -26.82 -6.06
N GLN A 130 9.07 -26.34 -4.89
CA GLN A 130 8.92 -24.91 -4.66
C GLN A 130 10.21 -24.12 -4.89
N GLN A 131 11.34 -24.66 -4.43
CA GLN A 131 12.55 -23.88 -4.29
C GLN A 131 13.44 -23.83 -5.54
N ALA A 132 12.99 -24.47 -6.62
CA ALA A 132 13.81 -24.55 -7.85
C ALA A 132 12.98 -24.50 -9.10
N ASP A 133 13.47 -23.80 -10.12
CA ASP A 133 12.77 -23.78 -11.41
C ASP A 133 13.44 -24.71 -12.42
N SER A 134 12.88 -24.79 -13.62
CA SER A 134 13.39 -25.69 -14.64
C SER A 134 12.74 -25.40 -15.97
N TYR A 135 13.39 -24.59 -16.79
CA TYR A 135 12.93 -24.36 -18.15
C TYR A 135 13.23 -25.60 -19.02
N SER A 136 14.35 -26.24 -18.72
CA SER A 136 14.76 -27.46 -19.41
C SER A 136 13.93 -28.66 -18.99
N ALA A 137 13.72 -29.59 -19.91
CA ALA A 137 13.06 -30.85 -19.56
C ALA A 137 14.09 -31.87 -19.05
N PHE A 138 15.38 -31.52 -19.15
CA PHE A 138 16.47 -32.39 -18.67
C PHE A 138 16.84 -32.19 -17.19
N VAL A 139 17.13 -30.95 -16.80
CA VAL A 139 17.56 -30.67 -15.44
C VAL A 139 16.80 -29.55 -14.78
N GLU A 140 16.41 -29.76 -13.51
CA GLU A 140 15.99 -28.68 -12.65
C GLU A 140 17.16 -27.67 -12.47
N ASP A 141 16.80 -26.45 -12.11
CA ASP A 141 17.73 -25.31 -11.98
C ASP A 141 18.82 -25.51 -10.93
N ASN A 142 18.68 -26.56 -10.13
CA ASN A 142 19.61 -26.89 -9.06
C ASN A 142 20.37 -28.20 -9.32
N GLY A 143 20.49 -28.61 -10.58
CA GLY A 143 21.26 -29.80 -10.94
C GLY A 143 20.55 -31.15 -10.88
N VAL A 144 19.42 -31.21 -10.16
CA VAL A 144 18.58 -32.41 -10.11
C VAL A 144 18.07 -32.75 -11.52
N SER A 145 18.30 -34.00 -11.94
CA SER A 145 17.88 -34.50 -13.25
C SER A 145 16.44 -34.94 -13.19
N THR A 146 15.72 -34.76 -14.29
CA THR A 146 14.31 -35.17 -14.41
C THR A 146 14.20 -36.65 -14.76
N GLY A 147 15.28 -37.21 -15.27
CA GLY A 147 15.32 -38.61 -15.71
C GLY A 147 15.23 -38.72 -17.22
N LEU A 148 14.89 -37.62 -17.88
CA LEU A 148 14.72 -37.62 -19.32
C LEU A 148 15.94 -38.18 -20.07
N ALA A 149 17.12 -37.65 -19.75
CA ALA A 149 18.35 -38.08 -20.42
C ALA A 149 18.52 -39.59 -20.37
N GLY A 150 18.34 -40.18 -19.19
CA GLY A 150 18.56 -41.60 -18.98
C GLY A 150 17.54 -42.46 -19.68
N LEU A 151 16.31 -41.97 -19.74
CA LEU A 151 15.25 -42.59 -20.50
C LEU A 151 15.61 -42.63 -21.99
N LEU A 152 15.92 -41.46 -22.55
CA LEU A 152 16.26 -41.38 -23.96
C LEU A 152 17.48 -42.24 -24.34
N HIS A 153 18.47 -42.27 -23.45
CA HIS A 153 19.67 -43.07 -23.69
C HIS A 153 19.38 -44.57 -23.62
N SER A 154 18.46 -44.91 -22.72
CA SER A 154 18.02 -46.26 -22.43
C SER A 154 17.43 -46.93 -23.68
N ILE A 155 16.50 -46.22 -24.31
CA ILE A 155 15.80 -46.73 -25.50
C ILE A 155 16.64 -46.66 -26.78
N GLY A 156 17.78 -45.97 -26.71
CA GLY A 156 18.70 -45.86 -27.84
C GLY A 156 18.45 -44.65 -28.75
N ALA A 157 17.95 -43.56 -28.18
CA ALA A 157 17.78 -42.34 -28.94
C ALA A 157 19.14 -41.78 -29.32
N ARG A 158 19.31 -41.42 -30.57
CA ARG A 158 20.57 -40.79 -30.98
C ARG A 158 20.36 -39.33 -31.42
N ARG A 159 19.13 -38.98 -31.81
CA ARG A 159 18.77 -37.58 -32.04
C ARG A 159 17.34 -37.25 -31.64
N VAL A 160 17.15 -36.04 -31.11
CA VAL A 160 15.85 -35.59 -30.65
C VAL A 160 15.28 -34.44 -31.48
N PHE A 161 14.00 -34.54 -31.81
CA PHE A 161 13.27 -33.47 -32.48
C PHE A 161 12.48 -32.70 -31.47
N VAL A 162 12.60 -31.38 -31.49
CA VAL A 162 11.93 -30.55 -30.48
C VAL A 162 10.91 -29.62 -31.12
N CYS A 163 9.71 -29.60 -30.54
CA CYS A 163 8.61 -28.71 -30.96
C CYS A 163 7.78 -28.28 -29.77
N GLY A 164 7.02 -27.19 -29.91
CA GLY A 164 6.09 -26.75 -28.85
C GLY A 164 6.37 -25.35 -28.34
N VAL A 165 6.18 -25.16 -27.03
CA VAL A 165 6.43 -23.87 -26.40
C VAL A 165 7.25 -24.06 -25.11
N ALA A 166 8.00 -23.03 -24.68
CA ALA A 166 8.25 -21.81 -25.44
C ALA A 166 9.65 -21.76 -26.06
N TYR A 167 9.68 -21.34 -27.31
CA TYR A 167 10.91 -21.27 -28.08
C TYR A 167 12.06 -20.63 -27.31
N ASP A 168 11.74 -19.55 -26.59
CA ASP A 168 12.75 -18.77 -25.86
C ASP A 168 12.99 -19.23 -24.41
N PHE A 169 12.26 -20.25 -23.97
CA PHE A 169 12.54 -20.84 -22.67
C PHE A 169 12.65 -22.35 -22.73
N CYS A 170 11.55 -23.05 -22.47
CA CYS A 170 11.59 -24.50 -22.45
C CYS A 170 12.28 -25.12 -23.67
N VAL A 171 11.90 -24.66 -24.85
CA VAL A 171 12.40 -25.27 -26.08
C VAL A 171 13.89 -24.98 -26.23
N PHE A 172 14.31 -23.75 -25.94
CA PHE A 172 15.71 -23.39 -26.04
C PHE A 172 16.55 -24.27 -25.12
N PHE A 173 16.20 -24.28 -23.83
CA PHE A 173 17.03 -24.94 -22.84
C PHE A 173 17.05 -26.46 -22.99
N THR A 174 15.93 -27.05 -23.41
CA THR A 174 15.85 -28.48 -23.70
C THR A 174 16.81 -28.82 -24.84
N ALA A 175 16.71 -28.07 -25.93
CA ALA A 175 17.63 -28.22 -27.03
C ALA A 175 19.09 -28.23 -26.55
N MET A 176 19.47 -27.24 -25.74
CA MET A 176 20.85 -27.08 -25.28
C MET A 176 21.27 -28.23 -24.36
N ASP A 177 20.36 -28.65 -23.49
CA ASP A 177 20.62 -29.76 -22.59
C ASP A 177 20.69 -31.09 -23.33
N ALA A 178 19.84 -31.27 -24.32
CA ALA A 178 19.96 -32.42 -25.20
C ALA A 178 21.35 -32.45 -25.87
N ARG A 179 21.90 -31.27 -26.13
CA ARG A 179 23.23 -31.15 -26.75
C ARG A 179 24.38 -31.42 -25.76
N LYS A 180 24.15 -31.15 -24.48
CA LYS A 180 25.15 -31.45 -23.46
C LYS A 180 25.18 -32.94 -23.18
N ASN A 181 24.02 -33.58 -23.27
CA ASN A 181 23.89 -35.02 -23.06
C ASN A 181 24.32 -35.84 -24.28
N GLY A 182 24.67 -35.15 -25.36
CA GLY A 182 25.28 -35.79 -26.52
C GLY A 182 24.28 -36.32 -27.54
N PHE A 183 23.08 -35.74 -27.58
CA PHE A 183 22.11 -36.03 -28.65
C PHE A 183 22.24 -35.02 -29.77
N SER A 184 21.94 -35.45 -31.00
CA SER A 184 21.72 -34.52 -32.12
C SER A 184 20.36 -33.89 -31.89
N VAL A 185 20.19 -32.64 -32.29
CA VAL A 185 18.93 -31.98 -32.08
C VAL A 185 18.48 -31.29 -33.35
N VAL A 186 17.29 -31.65 -33.79
CA VAL A 186 16.61 -30.90 -34.82
C VAL A 186 15.46 -30.16 -34.15
N LEU A 187 15.36 -28.88 -34.44
CA LEU A 187 14.30 -28.06 -33.89
C LEU A 187 13.32 -27.73 -35.01
N LEU A 188 12.06 -28.12 -34.81
CA LEU A 188 11.00 -27.77 -35.77
C LEU A 188 10.58 -26.31 -35.60
N GLU A 189 11.22 -25.42 -36.37
CA GLU A 189 11.09 -23.96 -36.21
C GLU A 189 9.67 -23.47 -36.45
N ASP A 190 8.93 -24.19 -37.30
CA ASP A 190 7.55 -23.83 -37.63
C ASP A 190 6.54 -24.35 -36.60
N LEU A 191 6.98 -25.22 -35.68
CA LEU A 191 6.09 -25.77 -34.65
C LEU A 191 6.45 -25.27 -33.26
N THR A 192 6.82 -23.99 -33.21
CA THR A 192 7.15 -23.33 -31.95
C THR A 192 6.59 -21.93 -31.96
N ALA A 193 6.16 -21.46 -30.79
CA ALA A 193 5.92 -20.03 -30.59
C ALA A 193 6.68 -19.57 -29.36
N ALA A 194 7.09 -18.30 -29.35
CA ALA A 194 7.87 -17.75 -28.25
C ALA A 194 7.00 -16.86 -27.39
N VAL A 195 7.29 -16.80 -26.10
CA VAL A 195 6.62 -15.82 -25.25
C VAL A 195 6.98 -14.40 -25.71
N ASP A 196 8.20 -14.23 -26.23
CA ASP A 196 8.75 -12.92 -26.58
C ASP A 196 9.45 -12.92 -27.96
N ASP A 197 8.82 -12.30 -28.95
CA ASP A 197 9.32 -12.35 -30.34
C ASP A 197 10.71 -11.73 -30.59
N ALA A 198 11.05 -10.66 -29.87
CA ALA A 198 12.34 -9.99 -30.06
C ALA A 198 13.52 -10.89 -29.72
N ALA A 199 13.37 -11.68 -28.65
CA ALA A 199 14.39 -12.63 -28.18
C ALA A 199 14.80 -13.66 -29.22
N TRP A 200 13.88 -14.00 -30.12
CA TRP A 200 14.08 -14.96 -31.22
C TRP A 200 15.48 -14.87 -31.84
N SER A 201 15.93 -13.64 -32.10
CA SER A 201 17.22 -13.41 -32.78
C SER A 201 18.43 -13.89 -31.96
N ALA A 202 18.43 -13.64 -30.66
CA ALA A 202 19.52 -14.03 -29.76
C ALA A 202 19.58 -15.55 -29.50
N ARG A 203 18.41 -16.18 -29.42
CA ARG A 203 18.31 -17.62 -29.13
C ARG A 203 18.78 -18.50 -30.29
N THR A 204 18.37 -18.12 -31.50
CA THR A 204 18.69 -18.88 -32.72
C THR A 204 20.19 -18.87 -32.98
N ALA A 205 20.83 -17.74 -32.68
CA ALA A 205 22.28 -17.61 -32.79
C ALA A 205 22.98 -18.58 -31.83
N GLU A 206 22.48 -18.63 -30.60
CA GLU A 206 23.03 -19.49 -29.57
C GLU A 206 22.83 -20.97 -29.91
N LEU A 207 21.64 -21.28 -30.44
CA LEU A 207 21.27 -22.61 -30.92
C LEU A 207 22.05 -22.99 -32.17
N LYS A 208 22.24 -22.03 -33.06
CA LYS A 208 22.96 -22.25 -34.30
C LYS A 208 24.32 -22.89 -34.02
N ASP A 209 25.13 -22.23 -33.20
CA ASP A 209 26.45 -22.76 -32.90
C ASP A 209 26.48 -23.61 -31.61
N ALA A 210 25.29 -23.99 -31.15
CA ALA A 210 25.17 -25.07 -30.17
C ALA A 210 25.18 -26.41 -30.92
N GLY A 211 25.16 -26.32 -32.25
CA GLY A 211 25.20 -27.48 -33.13
C GLY A 211 23.82 -27.98 -33.49
N VAL A 212 22.81 -27.17 -33.17
CA VAL A 212 21.42 -27.55 -33.38
C VAL A 212 21.02 -27.26 -34.83
N VAL A 213 20.12 -28.10 -35.35
CA VAL A 213 19.62 -27.94 -36.72
C VAL A 213 18.19 -27.40 -36.71
N LEU A 214 17.98 -26.32 -37.47
CA LEU A 214 16.66 -25.71 -37.58
C LEU A 214 16.01 -26.04 -38.93
N LEU A 215 14.77 -26.50 -38.86
CA LEU A 215 14.15 -27.23 -39.93
C LEU A 215 12.63 -27.08 -39.89
N LYS A 216 12.01 -26.84 -41.05
CA LYS A 216 10.55 -26.86 -41.15
C LYS A 216 10.08 -28.32 -41.17
N SER A 217 9.01 -28.60 -40.41
CA SER A 217 8.47 -29.96 -40.27
C SER A 217 8.11 -30.68 -41.59
N SER A 218 7.89 -29.89 -42.65
CA SER A 218 7.62 -30.46 -43.96
C SER A 218 8.89 -31.03 -44.63
N ALA A 219 10.01 -31.01 -43.91
CA ALA A 219 11.25 -31.63 -44.38
C ALA A 219 11.43 -33.06 -43.85
N LEU A 220 10.59 -33.43 -42.89
CA LEU A 220 10.66 -34.76 -42.30
C LEU A 220 9.91 -35.76 -43.17
N VAL A 221 10.53 -36.92 -43.41
CA VAL A 221 9.87 -38.03 -44.12
C VAL A 221 10.15 -39.34 -43.41
N ALA A 222 9.29 -40.33 -43.64
CA ALA A 222 9.35 -41.62 -42.96
C ALA A 222 10.44 -42.53 -43.53
N GLU A 223 10.22 -43.85 -43.46
CA GLU A 223 11.19 -44.81 -43.99
C GLU A 223 10.64 -45.58 -45.19
N PRO B 24 5.63 -49.53 15.66
CA PRO B 24 4.87 -50.70 15.23
C PRO B 24 5.64 -52.01 15.45
N THR B 25 5.92 -52.72 14.36
CA THR B 25 6.70 -53.95 14.37
C THR B 25 8.05 -53.74 13.69
N LEU B 26 8.06 -53.10 12.53
CA LEU B 26 9.30 -52.69 11.88
C LEU B 26 9.14 -51.32 11.24
N CYS B 27 10.27 -50.63 11.05
CA CYS B 27 10.29 -49.31 10.41
C CYS B 27 11.06 -49.35 9.11
N VAL B 28 10.47 -48.77 8.08
CA VAL B 28 11.15 -48.59 6.81
C VAL B 28 11.24 -47.11 6.53
N THR B 29 12.47 -46.61 6.47
CA THR B 29 12.74 -45.22 6.17
C THR B 29 12.72 -44.97 4.66
N VAL B 30 11.85 -44.06 4.23
CA VAL B 30 11.85 -43.61 2.84
C VAL B 30 12.92 -42.52 2.66
N SER B 31 13.83 -42.73 1.70
CA SER B 31 14.92 -41.81 1.41
C SER B 31 14.65 -40.96 0.16
N SER B 32 14.92 -39.66 0.24
CA SER B 32 14.72 -38.73 -0.87
C SER B 32 15.82 -38.83 -1.93
N THR B 33 16.87 -39.61 -1.66
CA THR B 33 17.90 -39.77 -2.67
C THR B 33 17.77 -41.10 -3.42
N THR B 34 17.16 -42.08 -2.77
CA THR B 34 17.38 -43.46 -3.14
C THR B 34 16.13 -44.32 -3.35
N ASP B 35 14.99 -43.88 -2.80
CA ASP B 35 13.73 -44.61 -2.90
C ASP B 35 12.78 -44.00 -3.93
N VAL B 36 12.20 -44.88 -4.74
CA VAL B 36 11.24 -44.49 -5.79
C VAL B 36 9.90 -45.17 -5.56
N LEU B 37 8.83 -44.61 -6.13
CA LEU B 37 7.49 -45.21 -6.03
C LEU B 37 6.79 -45.37 -7.39
N ILE B 38 6.33 -46.58 -7.69
CA ILE B 38 5.54 -46.81 -8.91
C ILE B 38 4.04 -47.03 -8.60
N ILE B 39 3.18 -46.27 -9.29
CA ILE B 39 1.74 -46.35 -9.11
C ILE B 39 1.10 -46.94 -10.34
N ALA B 40 0.62 -48.16 -10.19
CA ALA B 40 0.31 -48.99 -11.30
C ALA B 40 -1.15 -48.89 -11.76
N ASP B 41 -1.31 -48.63 -13.06
CA ASP B 41 -2.59 -48.65 -13.79
C ASP B 41 -3.79 -48.16 -12.99
N MET B 42 -3.62 -47.04 -12.29
CA MET B 42 -4.74 -46.47 -11.55
C MET B 42 -5.71 -45.71 -12.48
N GLN B 43 -6.35 -46.44 -13.37
CA GLN B 43 -7.13 -45.84 -14.45
C GLN B 43 -8.62 -46.15 -14.35
N VAL B 44 -9.43 -45.33 -15.00
CA VAL B 44 -10.88 -45.42 -14.96
C VAL B 44 -11.39 -46.83 -15.30
N ASP B 45 -10.80 -47.43 -16.34
CA ASP B 45 -11.22 -48.74 -16.81
C ASP B 45 -11.05 -49.88 -15.79
N PHE B 46 -10.06 -49.74 -14.90
CA PHE B 46 -9.82 -50.73 -13.88
C PHE B 46 -10.55 -50.42 -12.58
N LEU B 47 -10.95 -49.17 -12.39
CA LEU B 47 -11.31 -48.70 -11.07
C LEU B 47 -12.76 -48.24 -10.92
N ALA B 48 -13.35 -47.71 -11.99
CA ALA B 48 -14.71 -47.22 -11.93
C ALA B 48 -15.73 -48.36 -12.03
N PRO B 49 -16.91 -48.21 -11.42
CA PRO B 49 -17.88 -49.30 -11.47
C PRO B 49 -18.22 -49.69 -12.92
N GLY B 50 -18.70 -48.72 -13.71
CA GLY B 50 -18.84 -48.90 -15.15
C GLY B 50 -17.43 -48.86 -15.67
N GLY B 51 -17.16 -49.55 -16.77
CA GLY B 51 -15.77 -49.69 -17.19
C GLY B 51 -15.39 -51.14 -17.36
N SER B 52 -14.58 -51.38 -18.39
CA SER B 52 -14.44 -52.68 -19.02
C SER B 52 -13.92 -53.76 -18.08
N LEU B 53 -12.78 -53.46 -17.46
CA LEU B 53 -12.08 -54.40 -16.61
C LEU B 53 -12.09 -53.95 -15.15
N HIS B 54 -13.26 -53.87 -14.54
CA HIS B 54 -13.31 -53.45 -13.15
C HIS B 54 -12.54 -54.43 -12.26
N VAL B 55 -11.61 -53.90 -11.47
CA VAL B 55 -10.91 -54.67 -10.41
C VAL B 55 -11.59 -54.40 -9.07
N LYS B 56 -12.17 -55.45 -8.50
CA LYS B 56 -12.88 -55.35 -7.22
C LYS B 56 -11.97 -54.74 -6.15
N GLY B 57 -12.52 -53.83 -5.37
CA GLY B 57 -11.74 -53.12 -4.36
C GLY B 57 -10.69 -52.20 -4.96
N GLY B 58 -10.85 -51.88 -6.24
CA GLY B 58 -9.96 -50.95 -6.96
C GLY B 58 -9.89 -49.54 -6.37
N GLU B 59 -11.04 -48.86 -6.28
CA GLU B 59 -11.11 -47.48 -5.75
C GLU B 59 -10.68 -47.32 -4.28
N ALA B 60 -10.98 -48.32 -3.44
CA ALA B 60 -10.56 -48.29 -2.02
C ALA B 60 -9.07 -47.94 -1.83
N LEU B 61 -8.24 -48.36 -2.78
CA LEU B 61 -6.81 -48.15 -2.70
C LEU B 61 -6.41 -46.68 -2.77
N LEU B 62 -7.10 -45.91 -3.61
CA LEU B 62 -6.92 -44.46 -3.73
C LEU B 62 -6.55 -43.77 -2.40
N ASP B 63 -7.50 -43.73 -1.46
CA ASP B 63 -7.24 -43.25 -0.10
C ASP B 63 -5.79 -43.49 0.36
N GLY B 64 -5.39 -44.75 0.43
CA GLY B 64 -4.07 -45.14 0.91
C GLY B 64 -2.90 -44.72 0.03
N ILE B 65 -3.04 -44.90 -1.29
CA ILE B 65 -2.01 -44.48 -2.23
C ILE B 65 -1.82 -42.97 -2.22
N ASN B 66 -2.91 -42.22 -2.31
CA ASN B 66 -2.86 -40.76 -2.23
C ASN B 66 -2.06 -40.29 -1.03
N ALA B 67 -2.25 -40.94 0.12
CA ALA B 67 -1.50 -40.60 1.34
C ALA B 67 0.01 -40.91 1.25
N VAL B 68 0.36 -42.05 0.67
CA VAL B 68 1.76 -42.43 0.57
C VAL B 68 2.51 -41.49 -0.37
N SER B 69 1.99 -41.30 -1.58
CA SER B 69 2.51 -40.31 -2.51
C SER B 69 2.62 -38.90 -1.86
N SER B 70 1.58 -38.52 -1.12
CA SER B 70 1.49 -37.24 -0.41
C SER B 70 2.55 -36.98 0.66
N GLN B 71 2.72 -37.92 1.59
CA GLN B 71 3.34 -37.63 2.88
C GLN B 71 4.74 -38.20 3.06
N LEU B 72 5.24 -38.92 2.07
CA LEU B 72 6.58 -39.50 2.17
C LEU B 72 7.43 -38.96 1.04
N PRO B 73 8.75 -38.80 1.28
CA PRO B 73 9.57 -38.05 0.36
C PRO B 73 10.39 -38.92 -0.57
N PHE B 74 9.75 -39.63 -1.49
CA PHE B 74 10.49 -40.43 -2.48
C PHE B 74 11.34 -39.54 -3.36
N ARG B 75 12.42 -40.12 -3.86
CA ARG B 75 13.26 -39.40 -4.79
C ARG B 75 12.45 -39.11 -6.04
N TYR B 76 11.61 -40.05 -6.45
CA TYR B 76 10.89 -39.91 -7.70
C TYR B 76 9.59 -40.69 -7.60
N GLN B 77 8.58 -40.27 -8.37
CA GLN B 77 7.33 -41.03 -8.43
C GLN B 77 6.85 -41.21 -9.88
N VAL B 78 6.42 -42.41 -10.22
CA VAL B 78 5.97 -42.73 -11.57
C VAL B 78 4.62 -43.38 -11.48
N ALA B 79 3.65 -42.90 -12.27
CA ALA B 79 2.40 -43.62 -12.43
C ALA B 79 2.43 -44.27 -13.80
N THR B 80 1.83 -45.46 -13.94
CA THR B 80 1.80 -46.13 -15.24
C THR B 80 0.41 -46.08 -15.87
N GLN B 81 0.35 -46.27 -17.19
CA GLN B 81 -0.89 -46.20 -17.97
C GLN B 81 -1.00 -47.29 -19.05
N ASP B 82 -1.95 -48.22 -18.88
CA ASP B 82 -2.27 -49.20 -19.93
C ASP B 82 -2.91 -48.38 -21.06
N TRP B 83 -2.36 -48.51 -22.26
CA TRP B 83 -2.63 -47.56 -23.32
C TRP B 83 -2.69 -48.32 -24.66
N HIS B 84 -3.80 -49.00 -24.91
CA HIS B 84 -3.97 -49.87 -26.10
C HIS B 84 -4.63 -49.14 -27.27
N PRO B 85 -4.25 -49.48 -28.52
CA PRO B 85 -4.96 -48.96 -29.69
C PRO B 85 -6.35 -49.56 -29.83
N GLU B 86 -7.19 -48.99 -30.71
CA GLU B 86 -8.56 -49.47 -30.92
C GLU B 86 -8.66 -50.98 -31.22
N ASN B 87 -7.63 -51.53 -31.86
CA ASN B 87 -7.67 -52.91 -32.37
C ASN B 87 -6.48 -53.75 -31.90
N HIS B 88 -6.19 -53.65 -30.60
CA HIS B 88 -5.05 -54.29 -29.98
C HIS B 88 -5.23 -55.82 -29.90
N CYS B 89 -4.10 -56.53 -29.81
CA CYS B 89 -4.13 -57.99 -29.87
C CYS B 89 -4.79 -58.66 -28.67
N SER B 90 -4.77 -58.01 -27.50
CA SER B 90 -5.23 -58.63 -26.26
C SER B 90 -6.74 -58.57 -26.06
N PHE B 91 -7.46 -58.07 -27.06
CA PHE B 91 -8.90 -57.91 -26.98
C PHE B 91 -9.59 -59.14 -27.56
N VAL B 92 -10.67 -59.56 -26.91
CA VAL B 92 -11.47 -60.69 -27.39
C VAL B 92 -11.90 -60.55 -28.86
N THR B 93 -12.13 -59.31 -29.31
CA THR B 93 -12.47 -59.02 -30.71
C THR B 93 -11.34 -59.35 -31.69
N HIS B 94 -10.16 -59.61 -31.16
CA HIS B 94 -8.98 -59.94 -31.96
C HIS B 94 -8.26 -61.19 -31.45
N GLY B 95 -8.93 -61.94 -30.58
CA GLY B 95 -8.46 -63.24 -30.12
C GLY B 95 -7.82 -63.30 -28.74
N GLY B 96 -7.71 -62.15 -28.08
CA GLY B 96 -7.06 -62.05 -26.77
C GLY B 96 -7.97 -62.24 -25.56
N PRO B 97 -7.37 -62.35 -24.36
CA PRO B 97 -8.07 -62.68 -23.12
C PRO B 97 -9.10 -61.64 -22.68
N TRP B 98 -8.84 -60.37 -22.98
CA TRP B 98 -9.59 -59.30 -22.35
C TRP B 98 -10.66 -58.66 -23.24
N PRO B 99 -11.63 -57.97 -22.60
CA PRO B 99 -12.50 -57.03 -23.30
C PRO B 99 -11.72 -55.77 -23.59
N PRO B 100 -12.06 -55.03 -24.68
CA PRO B 100 -11.35 -53.78 -24.93
C PRO B 100 -11.33 -52.93 -23.68
N HIS B 101 -10.21 -52.28 -23.42
CA HIS B 101 -10.01 -51.50 -22.19
C HIS B 101 -8.84 -50.55 -22.44
N CYS B 102 -8.86 -49.38 -21.79
CA CYS B 102 -7.78 -48.41 -21.90
C CYS B 102 -7.37 -48.08 -23.35
N VAL B 103 -8.34 -48.00 -24.25
CA VAL B 103 -8.12 -47.51 -25.61
C VAL B 103 -7.56 -46.09 -25.53
N GLN B 104 -6.59 -45.77 -26.37
CA GLN B 104 -5.92 -44.48 -26.32
C GLN B 104 -6.91 -43.32 -26.46
N GLY B 105 -6.84 -42.35 -25.55
CA GLY B 105 -7.71 -41.17 -25.56
C GLY B 105 -9.18 -41.46 -25.26
N SER B 106 -9.48 -42.71 -24.91
CA SER B 106 -10.79 -43.05 -24.39
C SER B 106 -10.80 -42.62 -22.93
N ALA B 107 -12.00 -42.28 -22.45
CA ALA B 107 -12.24 -41.88 -21.07
C ALA B 107 -11.68 -42.89 -20.07
N GLY B 108 -11.95 -44.18 -20.33
CA GLY B 108 -11.49 -45.27 -19.47
C GLY B 108 -9.98 -45.36 -19.32
N ALA B 109 -9.25 -44.88 -20.32
CA ALA B 109 -7.80 -44.95 -20.32
C ALA B 109 -7.20 -43.89 -19.41
N GLN B 110 -7.99 -42.88 -19.08
CA GLN B 110 -7.50 -41.79 -18.22
C GLN B 110 -7.21 -42.30 -16.82
N LEU B 111 -6.29 -41.62 -16.13
CA LEU B 111 -6.07 -41.83 -14.73
C LEU B 111 -7.32 -41.38 -14.00
N HIS B 112 -7.65 -42.08 -12.91
CA HIS B 112 -8.87 -41.83 -12.14
C HIS B 112 -8.80 -40.47 -11.48
N ALA B 113 -9.94 -39.79 -11.39
CA ALA B 113 -10.02 -38.43 -10.83
C ALA B 113 -9.64 -38.36 -9.35
N GLY B 114 -9.85 -39.48 -8.65
CA GLY B 114 -9.54 -39.60 -7.23
C GLY B 114 -8.06 -39.74 -6.91
N LEU B 115 -7.24 -40.04 -7.92
CA LEU B 115 -5.79 -40.08 -7.75
C LEU B 115 -5.19 -38.68 -7.70
N HIS B 116 -4.16 -38.48 -6.88
CA HIS B 116 -3.50 -37.16 -6.74
C HIS B 116 -2.14 -37.10 -7.43
N THR B 117 -2.12 -36.61 -8.67
CA THR B 117 -0.93 -36.70 -9.51
C THR B 117 0.14 -35.66 -9.21
N GLN B 118 -0.14 -34.83 -8.22
CA GLN B 118 0.69 -33.69 -7.93
C GLN B 118 2.14 -34.01 -7.56
N ARG B 119 2.40 -35.18 -6.98
CA ARG B 119 3.76 -35.57 -6.60
C ARG B 119 4.32 -36.63 -7.52
N ILE B 120 3.76 -36.68 -8.73
CA ILE B 120 4.17 -37.66 -9.74
C ILE B 120 5.00 -37.01 -10.84
N ASN B 121 6.27 -37.42 -10.91
CA ASN B 121 7.26 -36.85 -11.81
C ASN B 121 7.12 -37.29 -13.28
N ALA B 122 6.53 -38.46 -13.50
CA ALA B 122 6.40 -39.03 -14.84
C ALA B 122 5.26 -40.04 -14.93
N VAL B 123 4.54 -39.97 -16.06
CA VAL B 123 3.60 -41.01 -16.46
C VAL B 123 4.23 -41.83 -17.60
N ILE B 124 4.16 -43.15 -17.46
CA ILE B 124 4.77 -44.09 -18.41
C ILE B 124 3.70 -44.99 -18.97
N ARG B 125 3.67 -45.12 -20.30
CA ARG B 125 2.63 -45.89 -20.97
C ARG B 125 3.11 -47.22 -21.52
N LYS B 126 2.22 -48.22 -21.52
CA LYS B 126 2.57 -49.56 -21.98
C LYS B 126 1.44 -50.20 -22.82
N GLY B 127 1.79 -51.24 -23.59
CA GLY B 127 0.83 -51.94 -24.44
C GLY B 127 0.40 -51.11 -25.63
N VAL B 128 1.40 -50.50 -26.25
CA VAL B 128 1.22 -49.35 -27.12
C VAL B 128 1.14 -49.77 -28.60
N THR B 129 1.56 -50.99 -28.88
CA THR B 129 1.64 -51.49 -30.24
C THR B 129 0.58 -52.55 -30.44
N GLN B 130 -0.05 -52.54 -31.61
CA GLN B 130 -1.15 -53.44 -31.91
C GLN B 130 -0.79 -54.92 -31.68
N GLN B 131 0.44 -55.28 -32.06
CA GLN B 131 0.88 -56.68 -32.12
C GLN B 131 1.27 -57.35 -30.79
N ALA B 132 1.56 -56.58 -29.73
CA ALA B 132 2.01 -57.17 -28.47
C ALA B 132 1.53 -56.45 -27.21
N ASP B 133 1.24 -57.22 -26.17
CA ASP B 133 0.78 -56.68 -24.91
C ASP B 133 1.97 -56.57 -23.93
N SER B 134 1.79 -55.78 -22.88
CA SER B 134 2.81 -55.60 -21.88
C SER B 134 2.19 -55.45 -20.50
N TYR B 135 2.53 -56.34 -19.59
CA TYR B 135 2.11 -56.15 -18.22
C TYR B 135 3.17 -55.39 -17.41
N SER B 136 4.42 -55.42 -17.87
CA SER B 136 5.49 -54.70 -17.20
C SER B 136 5.57 -53.23 -17.57
N ALA B 137 6.02 -52.43 -16.62
CA ALA B 137 6.28 -51.01 -16.85
C ALA B 137 7.64 -50.79 -17.48
N PHE B 138 8.39 -51.88 -17.67
CA PHE B 138 9.80 -51.79 -18.03
C PHE B 138 10.06 -52.16 -19.48
N VAL B 139 9.37 -53.21 -19.96
CA VAL B 139 9.48 -53.66 -21.35
C VAL B 139 8.19 -53.33 -22.07
N GLU B 140 8.12 -53.67 -23.35
CA GLU B 140 7.03 -53.24 -24.20
C GLU B 140 6.76 -54.19 -25.38
N ASP B 141 7.36 -53.85 -26.51
CA ASP B 141 7.01 -54.39 -27.83
C ASP B 141 7.75 -55.71 -28.08
N ASN B 142 8.16 -56.35 -26.98
CA ASN B 142 8.97 -57.60 -26.94
C ASN B 142 10.26 -57.34 -26.15
N GLY B 143 11.39 -57.29 -26.87
CA GLY B 143 12.69 -56.88 -26.28
C GLY B 143 12.73 -55.42 -25.84
N VAL B 144 12.25 -54.54 -26.73
CA VAL B 144 12.20 -53.06 -26.56
C VAL B 144 11.75 -52.49 -25.20
N SER B 145 12.60 -51.63 -24.66
CA SER B 145 12.35 -50.98 -23.38
C SER B 145 11.39 -49.78 -23.45
N THR B 146 10.86 -49.40 -22.28
CA THR B 146 10.13 -48.16 -22.07
C THR B 146 11.09 -47.09 -21.55
N GLY B 147 12.34 -47.49 -21.30
CA GLY B 147 13.35 -46.58 -20.73
C GLY B 147 13.18 -46.27 -19.25
N LEU B 148 12.21 -46.94 -18.61
CA LEU B 148 11.99 -46.76 -17.18
C LEU B 148 13.17 -47.24 -16.36
N ALA B 149 13.63 -48.46 -16.63
CA ALA B 149 14.77 -48.99 -15.92
C ALA B 149 15.91 -47.98 -16.02
N GLY B 150 16.20 -47.56 -17.26
CA GLY B 150 17.21 -46.57 -17.56
C GLY B 150 17.05 -45.32 -16.74
N LEU B 151 15.90 -44.65 -16.86
CA LEU B 151 15.73 -43.37 -16.18
C LEU B 151 15.95 -43.48 -14.67
N LEU B 152 15.27 -44.44 -14.03
CA LEU B 152 15.48 -44.72 -12.61
C LEU B 152 16.96 -44.88 -12.22
N HIS B 153 17.66 -45.84 -12.82
CA HIS B 153 19.09 -45.98 -12.58
C HIS B 153 19.81 -44.65 -12.74
N SER B 154 19.58 -44.02 -13.88
CA SER B 154 20.11 -42.72 -14.22
C SER B 154 19.95 -41.69 -13.10
N ILE B 155 18.92 -41.83 -12.28
CA ILE B 155 18.69 -40.86 -11.22
C ILE B 155 18.99 -41.37 -9.81
N GLY B 156 19.73 -42.47 -9.72
CA GLY B 156 20.31 -42.90 -8.45
C GLY B 156 19.45 -43.85 -7.66
N ALA B 157 18.19 -43.99 -8.07
CA ALA B 157 17.24 -44.87 -7.41
C ALA B 157 17.82 -46.27 -7.22
N ARG B 158 17.66 -46.80 -6.01
CA ARG B 158 18.24 -48.08 -5.67
C ARG B 158 17.19 -49.09 -5.18
N ARG B 159 16.09 -48.58 -4.63
CA ARG B 159 15.00 -49.42 -4.10
C ARG B 159 13.61 -48.90 -4.54
N VAL B 160 12.82 -49.73 -5.21
CA VAL B 160 11.52 -49.23 -5.67
C VAL B 160 10.29 -49.84 -4.98
N PHE B 161 9.34 -48.97 -4.63
CA PHE B 161 8.11 -49.41 -3.99
C PHE B 161 6.98 -49.48 -5.02
N VAL B 162 6.13 -50.49 -4.91
CA VAL B 162 5.08 -50.69 -5.89
C VAL B 162 3.70 -50.83 -5.23
N CYS B 163 2.73 -50.07 -5.74
CA CYS B 163 1.33 -50.16 -5.36
C CYS B 163 0.47 -49.99 -6.61
N GLY B 164 -0.83 -50.25 -6.47
CA GLY B 164 -1.79 -50.13 -7.57
C GLY B 164 -2.38 -51.45 -8.07
N VAL B 165 -2.75 -51.46 -9.35
CA VAL B 165 -3.41 -52.60 -9.98
C VAL B 165 -2.71 -53.00 -11.31
N ALA B 166 -2.87 -54.25 -11.77
CA ALA B 166 -3.51 -55.35 -11.08
C ALA B 166 -2.45 -56.24 -10.42
N TYR B 167 -2.68 -56.58 -9.15
CA TYR B 167 -1.69 -57.31 -8.35
C TYR B 167 -1.13 -58.53 -9.08
N ASP B 168 -2.02 -59.30 -9.70
CA ASP B 168 -1.67 -60.49 -10.46
C ASP B 168 -1.16 -60.23 -11.90
N PHE B 169 -1.12 -58.95 -12.29
CA PHE B 169 -0.64 -58.55 -13.62
C PHE B 169 0.36 -57.39 -13.51
N CYS B 170 -0.05 -56.16 -13.81
CA CYS B 170 0.89 -55.04 -13.87
C CYS B 170 1.84 -54.97 -12.68
N VAL B 171 1.29 -55.01 -11.47
CA VAL B 171 2.09 -55.01 -10.25
C VAL B 171 3.07 -56.18 -10.24
N PHE B 172 2.55 -57.38 -10.47
CA PHE B 172 3.38 -58.58 -10.49
C PHE B 172 4.58 -58.43 -11.42
N PHE B 173 4.34 -58.19 -12.70
CA PHE B 173 5.42 -58.17 -13.69
C PHE B 173 6.36 -56.98 -13.62
N THR B 174 5.81 -55.83 -13.21
CA THR B 174 6.59 -54.63 -12.97
C THR B 174 7.59 -54.82 -11.82
N ALA B 175 7.11 -55.39 -10.72
CA ALA B 175 7.96 -55.70 -9.57
C ALA B 175 9.05 -56.69 -9.93
N MET B 176 8.71 -57.64 -10.81
CA MET B 176 9.59 -58.72 -11.20
C MET B 176 10.66 -58.28 -12.19
N ASP B 177 10.27 -57.39 -13.11
CA ASP B 177 11.22 -56.76 -14.03
C ASP B 177 12.14 -55.77 -13.30
N ALA B 178 11.65 -55.20 -12.21
CA ALA B 178 12.49 -54.32 -11.40
C ALA B 178 13.64 -55.10 -10.73
N ARG B 179 13.36 -56.33 -10.31
CA ARG B 179 14.39 -57.21 -9.75
C ARG B 179 15.35 -57.62 -10.86
N LYS B 180 14.79 -58.05 -11.98
CA LYS B 180 15.53 -58.36 -13.20
C LYS B 180 16.51 -57.25 -13.58
N ASN B 181 16.19 -56.01 -13.21
CA ASN B 181 16.99 -54.85 -13.57
C ASN B 181 17.89 -54.33 -12.44
N GLY B 182 17.94 -55.05 -11.33
CA GLY B 182 18.85 -54.74 -10.23
C GLY B 182 18.35 -53.87 -9.09
N PHE B 183 17.06 -53.53 -9.08
CA PHE B 183 16.48 -52.75 -7.99
C PHE B 183 16.05 -53.62 -6.79
N SER B 184 16.08 -53.05 -5.60
CA SER B 184 15.40 -53.67 -4.46
C SER B 184 13.96 -53.40 -4.69
N VAL B 185 13.11 -54.37 -4.40
CA VAL B 185 11.68 -54.16 -4.61
C VAL B 185 10.91 -54.39 -3.31
N VAL B 186 10.01 -53.46 -3.01
CA VAL B 186 9.12 -53.59 -1.87
C VAL B 186 7.70 -53.36 -2.36
N LEU B 187 6.85 -54.38 -2.20
CA LEU B 187 5.47 -54.29 -2.64
C LEU B 187 4.54 -53.92 -1.49
N LEU B 188 3.92 -52.75 -1.62
CA LEU B 188 3.01 -52.26 -0.60
C LEU B 188 1.71 -53.07 -0.58
N GLU B 189 1.77 -54.15 0.18
CA GLU B 189 0.77 -55.22 0.28
C GLU B 189 -0.68 -54.76 0.33
N ASP B 190 -1.00 -53.90 1.30
CA ASP B 190 -2.34 -53.33 1.46
C ASP B 190 -2.79 -52.36 0.33
N LEU B 191 -1.87 -51.88 -0.51
CA LEU B 191 -2.24 -50.91 -1.54
C LEU B 191 -2.29 -51.50 -2.95
N THR B 192 -2.89 -52.68 -3.05
CA THR B 192 -2.93 -53.42 -4.29
C THR B 192 -4.24 -54.25 -4.35
N ALA B 193 -4.67 -54.63 -5.57
CA ALA B 193 -5.85 -55.47 -5.78
C ALA B 193 -5.76 -56.25 -7.10
N ALA B 194 -6.37 -57.44 -7.12
CA ALA B 194 -6.22 -58.38 -8.24
C ALA B 194 -7.48 -58.61 -9.09
N VAL B 195 -7.25 -59.01 -10.34
CA VAL B 195 -8.28 -59.44 -11.27
C VAL B 195 -8.86 -60.75 -10.75
N ASP B 196 -7.99 -61.60 -10.22
CA ASP B 196 -8.39 -62.91 -9.72
C ASP B 196 -7.68 -63.21 -8.41
N ASP B 197 -8.46 -63.49 -7.37
CA ASP B 197 -7.90 -63.74 -6.05
C ASP B 197 -7.34 -65.15 -5.88
N ALA B 198 -7.77 -66.07 -6.76
CA ALA B 198 -7.24 -67.43 -6.78
C ALA B 198 -5.75 -67.47 -7.17
N ALA B 199 -5.30 -66.38 -7.81
CA ALA B 199 -3.91 -66.24 -8.25
C ALA B 199 -3.01 -65.72 -7.13
N TRP B 200 -3.60 -65.30 -6.01
CA TRP B 200 -2.84 -64.67 -4.91
C TRP B 200 -1.78 -65.59 -4.31
N SER B 201 -2.14 -66.86 -4.14
CA SER B 201 -1.20 -67.87 -3.65
C SER B 201 -0.01 -67.93 -4.57
N ALA B 202 -0.26 -68.35 -5.80
CA ALA B 202 0.75 -68.54 -6.83
C ALA B 202 1.69 -67.35 -6.96
N ARG B 203 1.11 -66.17 -7.17
CA ARG B 203 1.88 -64.94 -7.43
C ARG B 203 2.78 -64.54 -6.26
N THR B 204 2.21 -64.53 -5.05
CA THR B 204 2.92 -64.21 -3.79
C THR B 204 4.20 -65.04 -3.60
N ALA B 205 4.07 -66.35 -3.77
CA ALA B 205 5.22 -67.24 -3.71
C ALA B 205 6.30 -66.80 -4.71
N GLU B 206 5.89 -66.58 -5.96
CA GLU B 206 6.80 -66.20 -7.02
C GLU B 206 7.55 -64.90 -6.68
N LEU B 207 6.81 -63.89 -6.24
CA LEU B 207 7.38 -62.66 -5.70
C LEU B 207 8.44 -62.92 -4.62
N LYS B 208 8.05 -63.61 -3.55
CA LYS B 208 8.95 -63.87 -2.41
C LYS B 208 10.23 -64.62 -2.81
N ASP B 209 10.08 -65.69 -3.59
CA ASP B 209 11.22 -66.49 -4.05
C ASP B 209 12.14 -65.74 -5.03
N ALA B 210 11.61 -64.70 -5.67
CA ALA B 210 12.40 -63.83 -6.53
C ALA B 210 12.95 -62.66 -5.73
N GLY B 211 12.83 -62.74 -4.41
CA GLY B 211 13.40 -61.75 -3.50
C GLY B 211 12.72 -60.39 -3.43
N VAL B 212 11.43 -60.35 -3.73
CA VAL B 212 10.63 -59.14 -3.51
C VAL B 212 10.12 -59.22 -2.08
N VAL B 213 10.15 -58.10 -1.38
CA VAL B 213 9.63 -58.12 -0.02
C VAL B 213 8.29 -57.40 0.06
N LEU B 214 7.28 -58.15 0.51
CA LEU B 214 5.95 -57.63 0.74
C LEU B 214 5.88 -56.95 2.11
N LEU B 215 5.12 -55.86 2.17
CA LEU B 215 5.16 -54.96 3.30
C LEU B 215 3.91 -54.11 3.34
N LYS B 216 3.31 -54.02 4.52
CA LYS B 216 2.18 -53.09 4.75
C LYS B 216 2.67 -51.64 4.81
N SER B 217 1.96 -50.73 4.14
CA SER B 217 2.40 -49.32 4.01
C SER B 217 2.61 -48.61 5.34
N SER B 218 1.86 -49.02 6.37
CA SER B 218 1.93 -48.42 7.72
C SER B 218 3.28 -48.59 8.41
N ALA B 219 4.23 -49.21 7.71
CA ALA B 219 5.56 -49.43 8.23
C ALA B 219 6.53 -48.41 7.68
N LEU B 220 6.02 -47.49 6.85
CA LEU B 220 6.86 -46.49 6.20
C LEU B 220 6.93 -45.19 7.01
N VAL B 221 8.12 -44.62 7.12
CA VAL B 221 8.35 -43.29 7.72
C VAL B 221 9.33 -42.48 6.87
N ALA B 222 9.23 -41.15 6.92
CA ALA B 222 10.13 -40.26 6.20
C ALA B 222 11.48 -40.13 6.93
N GLU B 223 12.43 -39.44 6.30
CA GLU B 223 13.74 -39.19 6.91
C GLU B 223 13.64 -38.11 7.97
N LEU C 26 5.35 49.31 -10.57
CA LEU C 26 4.14 48.55 -11.00
C LEU C 26 4.24 47.06 -10.63
N CYS C 27 3.09 46.45 -10.33
CA CYS C 27 2.93 44.99 -10.10
C CYS C 27 3.75 44.29 -8.98
N VAL C 28 3.04 43.72 -8.02
CA VAL C 28 3.58 42.72 -7.08
C VAL C 28 2.54 41.64 -6.83
N THR C 29 2.98 40.39 -6.85
CA THR C 29 2.10 39.26 -6.61
C THR C 29 2.04 39.05 -5.11
N VAL C 30 0.85 38.90 -4.54
CA VAL C 30 0.78 38.68 -3.09
C VAL C 30 0.70 37.20 -2.76
N SER C 31 1.83 36.71 -2.24
CA SER C 31 2.04 35.33 -1.86
C SER C 31 1.14 34.96 -0.67
N SER C 32 0.61 33.74 -0.69
CA SER C 32 -0.26 33.28 0.39
C SER C 32 0.53 32.52 1.44
N THR C 33 1.84 32.48 1.28
CA THR C 33 2.74 31.86 2.25
C THR C 33 3.63 32.92 2.89
N THR C 34 3.85 34.01 2.18
CA THR C 34 4.93 34.96 2.51
C THR C 34 4.42 36.37 2.86
N ASP C 35 3.25 36.73 2.35
CA ASP C 35 2.73 38.09 2.47
C ASP C 35 1.64 38.28 3.54
N VAL C 36 1.78 39.39 4.26
CA VAL C 36 1.01 39.73 5.44
C VAL C 36 0.49 41.16 5.36
N LEU C 37 -0.76 41.37 5.74
CA LEU C 37 -1.32 42.71 5.70
C LEU C 37 -1.55 43.29 7.11
N ILE C 38 -1.30 44.58 7.24
CA ILE C 38 -1.55 45.29 8.48
C ILE C 38 -2.46 46.48 8.21
N ILE C 39 -3.59 46.48 8.87
CA ILE C 39 -4.56 47.56 8.76
C ILE C 39 -4.46 48.34 10.06
N ALA C 40 -4.07 49.60 9.96
CA ALA C 40 -3.70 50.33 11.16
C ALA C 40 -4.80 51.25 11.66
N ASP C 41 -5.21 51.02 12.90
CA ASP C 41 -6.11 51.91 13.64
C ASP C 41 -7.37 52.34 12.91
N MET C 42 -8.13 51.42 12.34
CA MET C 42 -9.38 51.79 11.69
C MET C 42 -10.52 51.85 12.73
N GLN C 43 -10.33 52.71 13.72
CA GLN C 43 -11.24 52.77 14.85
C GLN C 43 -12.15 53.98 14.71
N VAL C 44 -13.30 53.95 15.39
CA VAL C 44 -14.29 55.01 15.15
C VAL C 44 -13.79 56.41 15.53
N ASP C 45 -12.92 56.50 16.54
CA ASP C 45 -12.43 57.81 16.99
C ASP C 45 -11.50 58.49 16.00
N PHE C 46 -10.83 57.69 15.17
CA PHE C 46 -10.02 58.25 14.09
C PHE C 46 -10.85 58.56 12.85
N LEU C 47 -11.85 57.73 12.57
CA LEU C 47 -12.54 57.72 11.28
C LEU C 47 -13.86 58.50 11.22
N ALA C 48 -14.66 58.40 12.28
CA ALA C 48 -16.02 58.92 12.27
C ALA C 48 -16.11 60.40 12.68
N PRO C 49 -17.19 61.08 12.27
CA PRO C 49 -17.36 62.54 12.34
C PRO C 49 -17.05 63.40 13.62
N GLY C 50 -17.34 63.00 14.87
CA GLY C 50 -17.59 61.65 15.35
C GLY C 50 -17.18 61.60 16.83
N GLY C 51 -16.01 61.08 17.17
CA GLY C 51 -14.80 61.07 16.34
C GLY C 51 -13.93 62.12 16.99
N SER C 52 -13.31 61.75 18.10
CA SER C 52 -12.67 62.71 18.99
C SER C 52 -11.33 63.17 18.46
N LEU C 53 -10.82 62.44 17.48
CA LEU C 53 -9.53 62.73 16.88
C LEU C 53 -9.60 62.39 15.39
N HIS C 54 -10.45 63.15 14.68
CA HIS C 54 -10.74 62.88 13.26
C HIS C 54 -9.51 62.95 12.34
N VAL C 55 -9.35 61.95 11.49
CA VAL C 55 -8.31 61.98 10.47
C VAL C 55 -8.99 62.28 9.15
N LYS C 56 -8.71 63.47 8.63
CA LYS C 56 -9.37 63.98 7.44
C LYS C 56 -9.13 63.01 6.28
N GLY C 57 -10.22 62.41 5.78
CA GLY C 57 -10.17 61.55 4.61
C GLY C 57 -10.17 60.06 4.93
N GLY C 58 -10.22 59.75 6.22
CA GLY C 58 -10.17 58.37 6.73
C GLY C 58 -11.26 57.40 6.31
N GLU C 59 -12.53 57.78 6.49
CA GLU C 59 -13.66 56.93 6.07
C GLU C 59 -13.65 56.56 4.58
N ALA C 60 -12.95 57.34 3.76
CA ALA C 60 -12.84 57.04 2.33
C ALA C 60 -12.00 55.79 2.08
N LEU C 61 -11.07 55.49 2.97
CA LEU C 61 -10.21 54.33 2.82
C LEU C 61 -10.95 52.99 2.92
N LEU C 62 -12.06 52.99 3.64
CA LEU C 62 -12.81 51.76 3.89
C LEU C 62 -12.98 50.91 2.64
N ASP C 63 -13.65 51.45 1.62
CA ASP C 63 -13.88 50.72 0.37
C ASP C 63 -12.60 50.06 -0.15
N GLY C 64 -11.52 50.84 -0.24
CA GLY C 64 -10.23 50.33 -0.68
C GLY C 64 -9.66 49.25 0.23
N ILE C 65 -9.52 49.55 1.52
CA ILE C 65 -8.94 48.58 2.45
C ILE C 65 -9.76 47.29 2.47
N ASN C 66 -11.08 47.39 2.37
CA ASN C 66 -11.96 46.22 2.31
C ASN C 66 -11.75 45.33 1.10
N ALA C 67 -11.67 45.95 -0.08
CA ALA C 67 -11.33 45.27 -1.34
C ALA C 67 -10.03 44.48 -1.22
N VAL C 68 -8.99 45.15 -0.72
CA VAL C 68 -7.67 44.54 -0.53
C VAL C 68 -7.69 43.33 0.43
N SER C 69 -8.27 43.51 1.62
CA SER C 69 -8.53 42.39 2.54
C SER C 69 -9.30 41.23 1.89
N SER C 70 -10.35 41.57 1.12
CA SER C 70 -11.27 40.58 0.54
C SER C 70 -10.71 39.82 -0.64
N GLN C 71 -10.07 40.53 -1.55
CA GLN C 71 -9.75 39.96 -2.83
C GLN C 71 -8.30 39.48 -2.97
N LEU C 72 -7.57 39.43 -1.86
CA LEU C 72 -6.18 39.03 -1.92
C LEU C 72 -5.79 37.97 -0.90
N PRO C 73 -5.04 36.96 -1.35
CA PRO C 73 -4.73 35.81 -0.51
C PRO C 73 -3.50 36.03 0.36
N PHE C 74 -3.61 36.98 1.29
CA PHE C 74 -2.52 37.23 2.23
C PHE C 74 -2.40 36.02 3.13
N ARG C 75 -1.16 35.64 3.45
CA ARG C 75 -0.92 34.56 4.40
C ARG C 75 -1.66 34.86 5.70
N TYR C 76 -1.66 36.15 6.08
CA TYR C 76 -2.13 36.61 7.39
C TYR C 76 -2.54 38.08 7.35
N GLN C 77 -3.60 38.41 8.08
CA GLN C 77 -4.02 39.80 8.21
C GLN C 77 -4.19 40.23 9.68
N VAL C 78 -3.65 41.40 10.00
CA VAL C 78 -3.64 41.90 11.36
C VAL C 78 -4.18 43.32 11.37
N ALA C 79 -4.97 43.61 12.40
CA ALA C 79 -5.51 44.94 12.62
C ALA C 79 -5.02 45.40 13.97
N THR C 80 -4.61 46.65 14.02
CA THR C 80 -4.22 47.30 15.29
C THR C 80 -5.37 48.14 15.86
N GLN C 81 -5.44 48.22 17.20
CA GLN C 81 -6.31 49.16 17.91
C GLN C 81 -5.48 50.01 18.85
N ASP C 82 -5.53 51.33 18.72
CA ASP C 82 -5.00 52.20 19.78
C ASP C 82 -5.93 51.87 20.94
N TRP C 83 -5.37 51.59 22.12
CA TRP C 83 -6.16 50.98 23.19
C TRP C 83 -5.76 51.56 24.56
N HIS C 84 -6.11 52.83 24.76
CA HIS C 84 -5.63 53.61 25.90
C HIS C 84 -6.50 53.51 27.15
N PRO C 85 -5.86 53.48 28.34
CA PRO C 85 -6.60 53.64 29.59
C PRO C 85 -7.15 55.06 29.69
N GLU C 86 -8.16 55.22 30.55
CA GLU C 86 -8.99 56.43 30.66
C GLU C 86 -8.19 57.69 30.98
N ASN C 87 -7.01 57.51 31.58
CA ASN C 87 -6.23 58.60 32.13
C ASN C 87 -4.87 58.69 31.46
N HIS C 88 -4.83 58.46 30.14
CA HIS C 88 -3.58 58.16 29.47
C HIS C 88 -2.58 59.30 29.45
N CYS C 89 -1.29 58.98 29.57
CA CYS C 89 -0.23 60.00 29.49
C CYS C 89 -0.36 60.89 28.24
N SER C 90 -0.95 60.38 27.17
CA SER C 90 -0.97 61.14 25.92
C SER C 90 -2.19 62.04 25.72
N PHE C 91 -3.10 62.05 26.70
CA PHE C 91 -4.28 62.90 26.61
C PHE C 91 -3.96 64.30 27.09
N VAL C 92 -4.57 65.29 26.42
CA VAL C 92 -4.46 66.70 26.81
C VAL C 92 -4.86 66.92 28.26
N THR C 93 -5.83 66.15 28.76
CA THR C 93 -6.28 66.27 30.15
C THR C 93 -5.19 65.91 31.15
N HIS C 94 -4.22 65.13 30.69
CA HIS C 94 -3.14 64.68 31.54
C HIS C 94 -1.76 65.13 31.04
N GLY C 95 -1.77 66.13 30.17
CA GLY C 95 -0.56 66.78 29.71
C GLY C 95 -0.02 66.25 28.39
N GLY C 96 -0.81 65.44 27.70
CA GLY C 96 -0.39 64.88 26.44
C GLY C 96 -0.84 65.77 25.30
N PRO C 97 -0.42 65.44 24.06
CA PRO C 97 -0.75 66.27 22.90
C PRO C 97 -2.10 65.95 22.26
N TRP C 98 -2.73 64.83 22.65
CA TRP C 98 -3.95 64.38 21.98
C TRP C 98 -5.19 64.54 22.83
N PRO C 99 -6.36 64.79 22.19
CA PRO C 99 -7.62 64.63 22.89
C PRO C 99 -7.76 63.21 23.42
N PRO C 100 -8.59 63.02 24.45
CA PRO C 100 -8.90 61.64 24.81
C PRO C 100 -9.53 60.94 23.60
N HIS C 101 -9.02 59.76 23.28
CA HIS C 101 -9.37 58.99 22.09
C HIS C 101 -9.07 57.53 22.37
N CYS C 102 -9.82 56.64 21.73
CA CYS C 102 -9.60 55.17 21.81
C CYS C 102 -9.44 54.64 23.24
N VAL C 103 -10.32 55.13 24.11
CA VAL C 103 -10.35 54.73 25.52
C VAL C 103 -10.82 53.29 25.61
N GLN C 104 -10.15 52.50 26.45
CA GLN C 104 -10.37 51.05 26.53
C GLN C 104 -11.84 50.68 26.80
N GLY C 105 -12.46 50.06 25.81
CA GLY C 105 -13.85 49.61 25.95
C GLY C 105 -14.83 50.75 25.84
N SER C 106 -14.53 51.73 25.00
CA SER C 106 -15.52 52.73 24.67
C SER C 106 -15.97 52.46 23.24
N ALA C 107 -17.02 53.15 22.82
CA ALA C 107 -17.43 53.14 21.41
C ALA C 107 -16.26 53.62 20.54
N GLY C 108 -15.57 54.66 21.02
CA GLY C 108 -14.47 55.32 20.30
C GLY C 108 -13.38 54.39 19.85
N ALA C 109 -13.05 53.42 20.70
CA ALA C 109 -11.93 52.50 20.44
C ALA C 109 -12.30 51.30 19.54
N GLN C 110 -13.59 51.12 19.27
CA GLN C 110 -14.02 50.02 18.41
C GLN C 110 -13.53 50.20 16.98
N LEU C 111 -13.25 49.08 16.32
CA LEU C 111 -12.98 49.08 14.87
C LEU C 111 -14.23 49.55 14.18
N HIS C 112 -14.06 50.38 13.14
CA HIS C 112 -15.20 50.94 12.40
C HIS C 112 -16.13 49.86 11.85
N ALA C 113 -17.44 50.09 11.97
CA ALA C 113 -18.44 49.11 11.53
C ALA C 113 -18.36 48.82 10.02
N GLY C 114 -17.86 49.80 9.28
CA GLY C 114 -17.69 49.71 7.83
C GLY C 114 -16.46 48.95 7.45
N LEU C 115 -15.71 48.50 8.45
CA LEU C 115 -14.58 47.63 8.21
C LEU C 115 -15.04 46.16 8.21
N HIS C 116 -14.59 45.40 7.22
CA HIS C 116 -14.89 43.96 7.13
C HIS C 116 -13.75 43.13 7.72
N THR C 117 -14.01 42.55 8.88
CA THR C 117 -12.95 41.86 9.60
C THR C 117 -12.87 40.36 9.27
N GLN C 118 -13.74 39.90 8.37
CA GLN C 118 -13.85 38.49 7.98
C GLN C 118 -12.48 37.82 7.82
N ARG C 119 -11.65 38.38 6.95
CA ARG C 119 -10.37 37.76 6.63
C ARG C 119 -9.23 38.30 7.50
N ILE C 120 -9.58 38.86 8.64
CA ILE C 120 -8.58 39.39 9.57
C ILE C 120 -8.28 38.36 10.63
N ASN C 121 -7.04 37.89 10.66
CA ASN C 121 -6.62 36.78 11.54
C ASN C 121 -6.38 37.16 13.01
N ALA C 122 -6.03 38.42 13.26
CA ALA C 122 -5.69 38.85 14.62
C ALA C 122 -5.84 40.34 14.82
N VAL C 123 -6.09 40.74 16.07
CA VAL C 123 -6.20 42.14 16.45
C VAL C 123 -5.22 42.40 17.59
N ILE C 124 -4.33 43.35 17.38
CA ILE C 124 -3.28 43.68 18.34
C ILE C 124 -3.54 45.06 18.95
N ARG C 125 -3.54 45.11 20.28
CA ARG C 125 -3.72 46.38 20.98
C ARG C 125 -2.38 47.07 21.29
N LYS C 126 -2.38 48.40 21.31
CA LYS C 126 -1.17 49.16 21.59
C LYS C 126 -1.48 50.38 22.43
N GLY C 127 -0.49 50.82 23.20
CA GLY C 127 -0.65 51.98 24.09
C GLY C 127 -1.48 51.69 25.33
N VAL C 128 -1.40 50.45 25.83
CA VAL C 128 -2.31 49.93 26.86
C VAL C 128 -2.01 50.28 28.32
N THR C 129 -0.87 50.90 28.60
CA THR C 129 -0.54 51.28 29.99
C THR C 129 -0.58 52.80 30.08
N GLN C 130 -0.93 53.35 31.25
CA GLN C 130 -1.10 54.82 31.33
C GLN C 130 0.21 55.58 31.13
N GLN C 131 1.31 54.99 31.58
CA GLN C 131 2.62 55.63 31.56
C GLN C 131 3.35 55.72 30.21
N ALA C 132 2.88 55.02 29.17
CA ALA C 132 3.60 55.02 27.89
C ALA C 132 2.72 54.90 26.65
N ASP C 133 2.83 55.87 25.74
CA ASP C 133 2.17 55.76 24.43
C ASP C 133 2.97 54.82 23.51
N SER C 134 2.54 54.67 22.26
CA SER C 134 3.11 53.71 21.30
C SER C 134 2.47 53.89 19.94
N TYR C 135 3.17 54.52 19.00
CA TYR C 135 2.61 54.70 17.66
C TYR C 135 2.82 53.43 16.84
N SER C 136 3.95 52.77 17.07
CA SER C 136 4.26 51.52 16.42
C SER C 136 3.31 50.40 16.84
N ALA C 137 3.09 49.45 15.94
CA ALA C 137 2.32 48.26 16.30
C ALA C 137 3.22 47.14 16.84
N PHE C 138 4.53 47.39 16.87
CA PHE C 138 5.55 46.38 17.21
C PHE C 138 6.10 46.56 18.61
N VAL C 139 6.37 47.81 18.98
CA VAL C 139 7.14 48.14 20.17
C VAL C 139 6.55 49.37 20.86
N GLU C 140 6.05 49.19 22.08
CA GLU C 140 5.60 50.31 22.94
C GLU C 140 6.75 51.32 23.15
N ASP C 141 6.41 52.60 23.35
CA ASP C 141 7.42 53.66 23.46
C ASP C 141 8.35 53.53 24.70
N ASN C 142 8.44 52.33 25.27
CA ASN C 142 9.42 52.11 26.34
C ASN C 142 10.29 50.88 26.08
N GLY C 143 10.17 50.35 24.86
CA GLY C 143 10.90 49.15 24.46
C GLY C 143 10.27 47.91 25.03
N VAL C 144 8.95 47.82 24.94
CA VAL C 144 8.22 46.61 25.35
C VAL C 144 7.48 46.08 24.12
N SER C 145 7.77 44.83 23.77
CA SER C 145 7.19 44.28 22.56
C SER C 145 5.70 44.05 22.71
N THR C 146 4.97 44.40 21.67
CA THR C 146 3.54 44.11 21.56
C THR C 146 3.38 42.64 21.20
N GLY C 147 4.47 42.03 20.73
CA GLY C 147 4.49 40.64 20.29
C GLY C 147 4.27 40.46 18.80
N LEU C 148 4.05 41.56 18.09
CA LEU C 148 3.76 41.50 16.66
C LEU C 148 4.90 40.89 15.84
N ALA C 149 6.14 41.25 16.16
CA ALA C 149 7.30 40.69 15.44
C ALA C 149 7.38 39.15 15.55
N GLY C 150 7.29 38.65 16.78
CA GLY C 150 7.24 37.21 17.06
C GLY C 150 6.13 36.54 16.27
N LEU C 151 4.94 37.09 16.38
CA LEU C 151 3.80 36.58 15.64
C LEU C 151 4.18 36.38 14.16
N LEU C 152 4.65 37.45 13.52
CA LEU C 152 4.88 37.48 12.09
C LEU C 152 6.00 36.55 11.64
N HIS C 153 7.15 36.62 12.29
CA HIS C 153 8.25 35.72 12.00
C HIS C 153 7.80 34.26 12.14
N SER C 154 7.08 33.99 13.22
CA SER C 154 6.57 32.65 13.53
C SER C 154 5.88 31.99 12.35
N ILE C 155 5.12 32.76 11.58
CA ILE C 155 4.31 32.20 10.51
C ILE C 155 5.00 32.28 9.14
N GLY C 156 6.25 32.74 9.13
CA GLY C 156 7.03 32.73 7.91
C GLY C 156 6.80 33.91 7.00
N ALA C 157 6.23 34.97 7.56
CA ALA C 157 6.07 36.24 6.87
C ALA C 157 7.41 36.85 6.46
N ARG C 158 7.51 37.28 5.20
CA ARG C 158 8.71 37.94 4.69
C ARG C 158 8.47 39.42 4.43
N ARG C 159 7.22 39.78 4.21
CA ARG C 159 6.89 41.07 3.62
C ARG C 159 5.59 41.61 4.19
N VAL C 160 5.64 42.85 4.65
CA VAL C 160 4.47 43.50 5.22
C VAL C 160 3.93 44.63 4.38
N PHE C 161 2.62 44.57 4.16
CA PHE C 161 1.86 45.57 3.42
C PHE C 161 1.06 46.40 4.41
N VAL C 162 1.40 47.68 4.54
CA VAL C 162 0.74 48.53 5.53
C VAL C 162 -0.28 49.49 4.91
N CYS C 163 -1.37 49.72 5.64
CA CYS C 163 -2.39 50.70 5.27
C CYS C 163 -3.13 51.14 6.53
N GLY C 164 -4.00 52.14 6.40
CA GLY C 164 -4.74 52.65 7.55
C GLY C 164 -4.31 54.05 7.93
N VAL C 165 -4.57 54.42 9.20
CA VAL C 165 -4.21 55.74 9.73
C VAL C 165 -3.35 55.57 10.98
N ALA C 166 -2.50 56.54 11.31
CA ALA C 166 -2.27 57.75 10.52
C ALA C 166 -0.92 57.67 9.79
N TYR C 167 -0.88 58.20 8.57
CA TYR C 167 0.32 58.14 7.74
C TYR C 167 1.55 58.75 8.42
N ASP C 168 1.31 59.80 9.22
CA ASP C 168 2.37 60.50 9.91
C ASP C 168 2.71 59.93 11.30
N PHE C 169 1.97 58.91 11.73
CA PHE C 169 2.15 58.32 13.07
C PHE C 169 2.15 56.79 13.04
N CYS C 170 1.05 56.14 13.44
CA CYS C 170 1.01 54.67 13.53
C CYS C 170 1.61 54.00 12.32
N VAL C 171 1.09 54.36 11.14
CA VAL C 171 1.54 53.81 9.87
C VAL C 171 3.04 54.00 9.68
N PHE C 172 3.49 55.25 9.73
CA PHE C 172 4.93 55.53 9.61
C PHE C 172 5.79 54.69 10.57
N PHE C 173 5.54 54.82 11.86
CA PHE C 173 6.36 54.14 12.85
C PHE C 173 6.24 52.62 12.80
N THR C 174 5.07 52.11 12.43
CA THR C 174 4.90 50.68 12.22
C THR C 174 5.77 50.24 11.03
N ALA C 175 5.64 50.92 9.90
CA ALA C 175 6.48 50.61 8.75
C ALA C 175 7.98 50.66 9.11
N MET C 176 8.40 51.67 9.87
CA MET C 176 9.81 51.80 10.28
C MET C 176 10.31 50.61 11.09
N ASP C 177 9.43 50.12 11.97
CA ASP C 177 9.81 49.03 12.86
C ASP C 177 9.82 47.68 12.17
N ALA C 178 8.85 47.44 11.29
CA ALA C 178 8.86 46.22 10.49
C ALA C 178 10.19 46.14 9.78
N ARG C 179 10.57 47.29 9.23
CA ARG C 179 11.83 47.49 8.57
C ARG C 179 13.00 47.09 9.48
N LYS C 180 13.08 47.66 10.69
CA LYS C 180 14.20 47.33 11.61
C LYS C 180 14.08 45.93 12.24
N ASN C 181 12.91 45.31 12.07
CA ASN C 181 12.67 43.94 12.49
C ASN C 181 13.02 42.88 11.43
N GLY C 182 13.52 43.33 10.30
CA GLY C 182 13.98 42.42 9.27
C GLY C 182 13.02 42.20 8.12
N PHE C 183 11.83 42.79 8.22
CA PHE C 183 10.79 42.59 7.21
C PHE C 183 10.98 43.46 5.99
N SER C 184 10.52 42.96 4.86
CA SER C 184 10.44 43.74 3.64
C SER C 184 9.14 44.54 3.76
N VAL C 185 9.08 45.75 3.21
CA VAL C 185 7.89 46.61 3.41
C VAL C 185 7.32 47.31 2.18
N VAL C 186 5.99 47.23 2.04
CA VAL C 186 5.25 47.95 1.01
C VAL C 186 4.20 48.80 1.70
N LEU C 187 4.29 50.12 1.56
CA LEU C 187 3.29 51.04 2.12
C LEU C 187 2.29 51.42 1.04
N LEU C 188 1.01 51.17 1.30
CA LEU C 188 -0.05 51.35 0.29
C LEU C 188 -0.53 52.79 0.27
N GLU C 189 0.20 53.63 -0.47
CA GLU C 189 0.15 55.09 -0.36
C GLU C 189 -1.24 55.71 -0.59
N ASP C 190 -2.08 54.99 -1.34
CA ASP C 190 -3.42 55.45 -1.69
C ASP C 190 -4.46 55.03 -0.67
N LEU C 191 -4.04 54.31 0.36
CA LEU C 191 -4.92 53.67 1.32
C LEU C 191 -4.62 54.12 2.74
N THR C 192 -4.26 55.39 2.86
CA THR C 192 -3.75 55.89 4.12
C THR C 192 -4.05 57.39 4.18
N ALA C 193 -4.29 57.90 5.38
CA ALA C 193 -4.53 59.34 5.55
C ALA C 193 -3.75 59.89 6.74
N ALA C 194 -3.32 61.14 6.64
CA ALA C 194 -2.49 61.77 7.65
C ALA C 194 -3.31 62.68 8.56
N VAL C 195 -2.90 62.79 9.81
CA VAL C 195 -3.45 63.78 10.73
C VAL C 195 -3.11 65.17 10.20
N ASP C 196 -1.80 65.44 10.04
CA ASP C 196 -1.26 66.70 9.51
C ASP C 196 -0.69 66.44 8.11
N ASP C 197 -1.29 67.07 7.10
CA ASP C 197 -0.90 66.88 5.71
C ASP C 197 0.42 67.54 5.31
N ALA C 198 0.95 68.42 6.17
CA ALA C 198 2.26 69.03 5.92
C ALA C 198 3.39 68.03 6.20
N ALA C 199 3.07 67.05 7.04
CA ALA C 199 4.03 66.02 7.45
C ALA C 199 4.33 65.01 6.35
N TRP C 200 3.48 64.96 5.31
CA TRP C 200 3.61 63.99 4.21
C TRP C 200 4.98 63.97 3.50
N SER C 201 5.41 65.13 2.97
CA SER C 201 6.67 65.23 2.24
C SER C 201 7.89 64.66 2.99
N ALA C 202 8.06 65.09 4.25
CA ALA C 202 9.21 64.68 5.06
C ALA C 202 9.15 63.24 5.55
N ARG C 203 7.98 62.84 6.06
CA ARG C 203 7.72 61.50 6.55
C ARG C 203 7.98 60.45 5.47
N THR C 204 7.72 60.82 4.21
CA THR C 204 7.90 59.93 3.06
C THR C 204 9.36 59.77 2.68
N ALA C 205 10.10 60.87 2.71
CA ALA C 205 11.53 60.86 2.40
C ALA C 205 12.28 59.83 3.24
N GLU C 206 12.03 59.84 4.56
CA GLU C 206 12.69 58.93 5.52
C GLU C 206 12.14 57.51 5.51
N LEU C 207 10.92 57.33 5.00
CA LEU C 207 10.43 56.00 4.68
C LEU C 207 11.17 55.42 3.48
N LYS C 208 11.49 56.27 2.51
CA LYS C 208 12.20 55.85 1.32
C LYS C 208 13.67 55.50 1.58
N ASP C 209 14.32 56.30 2.43
CA ASP C 209 15.72 56.05 2.76
C ASP C 209 15.87 54.94 3.81
N ALA C 210 14.73 54.38 4.23
CA ALA C 210 14.70 53.16 5.04
C ALA C 210 14.32 51.97 4.16
N GLY C 211 14.21 52.22 2.85
CA GLY C 211 13.89 51.20 1.88
C GLY C 211 12.46 50.69 1.95
N VAL C 212 11.53 51.55 2.39
CA VAL C 212 10.11 51.18 2.38
C VAL C 212 9.58 51.54 1.00
N VAL C 213 9.00 50.55 0.32
CA VAL C 213 8.53 50.74 -1.05
C VAL C 213 7.10 51.31 -1.08
N LEU C 214 6.91 52.39 -1.83
CA LEU C 214 5.61 53.06 -1.90
C LEU C 214 4.84 52.70 -3.14
N LEU C 215 3.61 52.29 -2.94
CA LEU C 215 2.83 51.66 -4.00
C LEU C 215 1.34 51.91 -3.88
N LYS C 216 0.69 52.11 -5.02
CA LYS C 216 -0.76 52.17 -5.11
C LYS C 216 -1.32 50.74 -5.10
N SER C 217 -2.37 50.51 -4.31
CA SER C 217 -3.03 49.19 -4.21
C SER C 217 -3.49 48.55 -5.53
N SER C 218 -3.55 49.32 -6.62
CA SER C 218 -3.92 48.73 -7.90
C SER C 218 -2.79 47.91 -8.53
N ALA C 219 -1.60 47.98 -7.93
CA ALA C 219 -0.45 47.22 -8.42
C ALA C 219 -0.49 45.78 -7.93
N LEU C 220 -1.16 45.56 -6.81
CA LEU C 220 -1.26 44.22 -6.24
C LEU C 220 -2.09 43.23 -7.08
N VAL C 221 -1.49 42.09 -7.42
CA VAL C 221 -2.22 40.95 -8.00
C VAL C 221 -2.04 39.67 -7.16
N ALA C 222 -3.00 38.74 -7.28
CA ALA C 222 -3.00 37.50 -6.51
C ALA C 222 -2.17 36.36 -7.15
N GLU C 223 -2.16 35.20 -6.51
CA GLU C 223 -1.58 34.00 -7.13
C GLU C 223 -2.65 33.32 -7.99
N THR D 25 -4.51 26.89 50.91
CA THR D 25 -3.83 25.58 50.60
C THR D 25 -2.45 25.77 49.91
N LEU D 26 -2.42 26.41 48.74
CA LEU D 26 -1.15 26.80 48.12
C LEU D 26 -1.22 28.12 47.32
N CYS D 27 -0.10 28.82 47.29
CA CYS D 27 0.00 30.12 46.59
C CYS D 27 0.79 30.02 45.28
N VAL D 28 0.13 30.34 44.18
CA VAL D 28 0.80 30.50 42.90
C VAL D 28 0.94 32.00 42.61
N THR D 29 2.17 32.46 42.39
CA THR D 29 2.45 33.88 42.15
C THR D 29 2.46 34.18 40.65
N VAL D 30 1.56 35.03 40.19
CA VAL D 30 1.60 35.46 38.80
C VAL D 30 2.60 36.60 38.54
N SER D 31 3.46 36.41 37.55
CA SER D 31 4.57 37.31 37.23
C SER D 31 4.31 38.25 36.03
N SER D 32 4.75 39.50 36.15
CA SER D 32 4.56 40.49 35.09
C SER D 32 5.64 40.38 34.03
N THR D 33 6.34 39.26 34.04
CA THR D 33 7.43 39.04 33.10
C THR D 33 7.23 37.72 32.36
N THR D 34 6.67 36.75 33.08
CA THR D 34 6.82 35.32 32.81
C THR D 34 5.49 34.61 32.52
N ASP D 35 4.42 35.11 33.11
CA ASP D 35 3.12 34.47 33.06
C ASP D 35 2.21 35.15 32.04
N VAL D 36 1.40 34.35 31.37
CA VAL D 36 0.50 34.82 30.31
C VAL D 36 -0.86 34.16 30.45
N LEU D 37 -1.93 34.89 30.12
CA LEU D 37 -3.28 34.40 30.27
C LEU D 37 -4.04 34.26 28.95
N ILE D 38 -4.55 33.07 28.70
CA ILE D 38 -5.36 32.82 27.51
C ILE D 38 -6.83 32.60 27.91
N ILE D 39 -7.71 33.44 27.37
CA ILE D 39 -9.14 33.35 27.57
C ILE D 39 -9.78 32.77 26.32
N ALA D 40 -10.34 31.58 26.47
CA ALA D 40 -10.77 30.78 25.35
C ALA D 40 -12.24 31.01 25.04
N ASP D 41 -12.51 31.40 23.79
CA ASP D 41 -13.85 31.49 23.18
C ASP D 41 -14.98 31.95 24.11
N MET D 42 -14.87 33.12 24.70
CA MET D 42 -15.98 33.66 25.47
C MET D 42 -16.87 34.46 24.52
N GLN D 43 -17.63 33.73 23.69
CA GLN D 43 -18.46 34.35 22.67
C GLN D 43 -19.95 34.11 22.87
N VAL D 44 -20.74 35.05 22.35
CA VAL D 44 -22.19 34.97 22.45
C VAL D 44 -22.69 33.54 22.12
N ASP D 45 -22.32 33.02 20.96
CA ASP D 45 -22.85 31.72 20.50
C ASP D 45 -22.57 30.56 21.46
N PHE D 46 -21.58 30.73 22.32
CA PHE D 46 -21.26 29.74 23.32
C PHE D 46 -21.86 30.05 24.70
N LEU D 47 -22.18 31.31 24.98
CA LEU D 47 -22.50 31.77 26.35
C LEU D 47 -23.95 32.18 26.62
N ALA D 48 -24.50 32.94 25.69
CA ALA D 48 -25.83 33.53 25.84
C ALA D 48 -26.93 32.49 25.60
N PRO D 49 -28.01 32.54 26.41
CA PRO D 49 -29.22 31.82 26.07
C PRO D 49 -29.74 32.36 24.75
N GLY D 50 -30.33 31.47 23.94
CA GLY D 50 -30.63 31.78 22.55
C GLY D 50 -29.35 31.75 21.72
N GLY D 51 -28.29 31.19 22.32
CA GLY D 51 -26.99 31.03 21.70
C GLY D 51 -27.08 30.10 20.52
N SER D 52 -26.04 29.30 20.29
CA SER D 52 -26.05 28.39 19.15
C SER D 52 -25.36 27.09 19.52
N LEU D 53 -24.30 27.22 20.30
CA LEU D 53 -23.59 26.10 20.84
C LEU D 53 -23.40 26.41 22.32
N HIS D 54 -24.51 26.75 22.98
CA HIS D 54 -24.51 27.16 24.38
C HIS D 54 -23.87 26.09 25.24
N VAL D 55 -22.87 26.52 26.01
CA VAL D 55 -22.16 25.70 26.98
C VAL D 55 -22.72 25.98 28.37
N LYS D 56 -23.23 24.94 29.04
CA LYS D 56 -23.87 25.12 30.33
C LYS D 56 -22.89 25.64 31.37
N GLY D 57 -23.28 26.73 32.03
CA GLY D 57 -22.51 27.32 33.12
C GLY D 57 -21.33 28.18 32.68
N GLY D 58 -21.23 28.44 31.38
CA GLY D 58 -20.18 29.33 30.84
C GLY D 58 -20.34 30.81 31.22
N GLU D 59 -21.54 31.35 31.04
CA GLU D 59 -21.90 32.73 31.42
C GLU D 59 -21.49 33.04 32.87
N ALA D 60 -21.72 32.09 33.78
CA ALA D 60 -21.26 32.17 35.16
C ALA D 60 -19.73 32.39 35.30
N LEU D 61 -18.96 31.89 34.34
CA LEU D 61 -17.52 31.98 34.43
C LEU D 61 -17.02 33.40 34.20
N LEU D 62 -17.82 34.25 33.56
CA LEU D 62 -17.41 35.62 33.26
C LEU D 62 -16.91 36.37 34.50
N ASP D 63 -17.70 36.35 35.57
CA ASP D 63 -17.34 37.00 36.81
C ASP D 63 -15.89 36.72 37.24
N GLY D 64 -15.59 35.45 37.49
CA GLY D 64 -14.26 35.07 37.96
C GLY D 64 -13.18 35.38 36.94
N ILE D 65 -13.49 35.12 35.66
CA ILE D 65 -12.57 35.40 34.56
C ILE D 65 -12.23 36.90 34.46
N ASN D 66 -13.23 37.76 34.61
CA ASN D 66 -12.98 39.19 34.68
C ASN D 66 -12.04 39.53 35.82
N ALA D 67 -12.34 38.99 37.00
CA ALA D 67 -11.55 39.23 38.20
C ALA D 67 -10.08 38.87 38.00
N VAL D 68 -9.85 37.73 37.38
CA VAL D 68 -8.49 37.26 37.07
C VAL D 68 -7.79 38.18 36.06
N SER D 69 -8.47 38.45 34.96
CA SER D 69 -8.00 39.39 33.96
C SER D 69 -7.61 40.77 34.55
N SER D 70 -8.47 41.31 35.41
CA SER D 70 -8.32 42.70 35.85
C SER D 70 -7.50 42.89 37.14
N GLN D 71 -7.20 41.79 37.83
CA GLN D 71 -6.57 41.91 39.14
C GLN D 71 -5.13 41.37 39.19
N LEU D 72 -4.76 40.56 38.20
CA LEU D 72 -3.42 39.96 38.23
C LEU D 72 -2.49 40.52 37.15
N PRO D 73 -1.19 40.62 37.47
CA PRO D 73 -0.27 41.31 36.59
C PRO D 73 0.41 40.39 35.57
N PHE D 74 -0.39 39.71 34.74
CA PHE D 74 0.18 38.91 33.66
C PHE D 74 0.92 39.85 32.74
N ARG D 75 2.02 39.34 32.20
CA ARG D 75 2.77 39.97 31.14
C ARG D 75 1.82 40.24 29.98
N TYR D 76 1.03 39.24 29.62
CA TYR D 76 0.30 39.34 28.40
C TYR D 76 -0.98 38.58 28.58
N GLN D 77 -1.98 38.98 27.81
CA GLN D 77 -3.31 38.48 27.94
C GLN D 77 -3.84 38.31 26.53
N VAL D 78 -4.36 37.12 26.23
CA VAL D 78 -4.89 36.84 24.90
C VAL D 78 -6.33 36.28 24.99
N ALA D 79 -7.16 36.65 24.03
CA ALA D 79 -8.51 36.10 23.92
C ALA D 79 -8.65 35.42 22.56
N THR D 80 -9.02 34.14 22.54
CA THR D 80 -9.23 33.42 21.28
C THR D 80 -10.66 33.64 20.72
N GLN D 81 -10.84 33.47 19.41
CA GLN D 81 -12.16 33.62 18.76
C GLN D 81 -12.42 32.52 17.75
N ASP D 82 -13.42 31.68 18.02
CA ASP D 82 -13.91 30.75 17.00
C ASP D 82 -14.50 31.63 15.91
N TRP D 83 -14.05 31.45 14.68
CA TRP D 83 -14.32 32.43 13.63
C TRP D 83 -14.54 31.75 12.27
N HIS D 84 -15.63 30.99 12.14
CA HIS D 84 -15.83 30.14 10.98
C HIS D 84 -16.57 30.87 9.84
N PRO D 85 -16.29 30.50 8.58
CA PRO D 85 -17.12 30.95 7.46
C PRO D 85 -18.46 30.22 7.42
N GLU D 86 -19.41 30.72 6.61
CA GLU D 86 -20.79 30.17 6.57
C GLU D 86 -20.88 28.65 6.31
N ASN D 87 -19.96 28.14 5.51
CA ASN D 87 -19.97 26.75 5.07
C ASN D 87 -18.81 25.90 5.63
N HIS D 88 -18.55 26.03 6.94
CA HIS D 88 -17.41 25.36 7.58
C HIS D 88 -17.59 23.83 7.64
N CYS D 89 -16.50 23.10 7.40
CA CYS D 89 -16.48 21.63 7.38
C CYS D 89 -16.98 20.98 8.69
N SER D 90 -16.94 21.73 9.77
CA SER D 90 -17.28 21.22 11.09
C SER D 90 -18.76 21.42 11.42
N PHE D 91 -19.43 22.21 10.58
CA PHE D 91 -20.88 22.40 10.69
C PHE D 91 -21.62 21.14 10.26
N VAL D 92 -22.69 20.84 10.99
CA VAL D 92 -23.54 19.69 10.74
C VAL D 92 -24.18 19.85 9.37
N THR D 93 -24.29 21.10 8.96
CA THR D 93 -24.85 21.48 7.67
C THR D 93 -23.94 21.03 6.52
N HIS D 94 -22.66 20.76 6.83
CA HIS D 94 -21.70 20.32 5.83
C HIS D 94 -21.04 18.97 6.09
N GLY D 95 -21.63 18.18 6.98
CA GLY D 95 -21.10 16.85 7.30
C GLY D 95 -20.48 16.69 8.67
N GLY D 96 -19.88 17.77 9.17
CA GLY D 96 -19.27 17.79 10.51
C GLY D 96 -20.27 17.62 11.65
N PRO D 97 -19.81 17.73 12.91
CA PRO D 97 -20.71 17.31 13.99
C PRO D 97 -21.44 18.43 14.75
N TRP D 98 -21.02 19.69 14.60
CA TRP D 98 -21.56 20.83 15.37
C TRP D 98 -22.67 21.60 14.66
N PRO D 99 -23.55 22.28 15.43
CA PRO D 99 -24.46 23.23 14.80
C PRO D 99 -23.68 24.44 14.27
N PRO D 100 -24.22 25.16 13.27
CA PRO D 100 -23.49 26.36 12.82
C PRO D 100 -23.29 27.34 13.97
N HIS D 101 -22.08 27.86 14.09
CA HIS D 101 -21.71 28.73 15.19
C HIS D 101 -20.66 29.75 14.79
N CYS D 102 -20.54 30.80 15.58
CA CYS D 102 -19.40 31.74 15.51
C CYS D 102 -18.98 32.08 14.09
N VAL D 103 -19.98 32.34 13.25
CA VAL D 103 -19.81 32.68 11.84
C VAL D 103 -19.26 34.10 11.74
N GLN D 104 -18.20 34.25 10.95
CA GLN D 104 -17.55 35.52 10.69
C GLN D 104 -18.55 36.63 10.41
N GLY D 105 -18.52 37.65 11.25
CA GLY D 105 -19.33 38.83 11.08
C GLY D 105 -20.64 38.77 11.84
N SER D 106 -20.97 37.58 12.34
CA SER D 106 -22.23 37.37 13.04
C SER D 106 -22.19 37.84 14.50
N ALA D 107 -23.38 38.06 15.05
CA ALA D 107 -23.55 38.46 16.45
C ALA D 107 -23.00 37.41 17.42
N GLY D 108 -23.04 36.14 17.02
CA GLY D 108 -22.67 35.03 17.87
C GLY D 108 -21.18 34.85 17.90
N ALA D 109 -20.51 35.34 16.86
CA ALA D 109 -19.06 35.33 16.81
C ALA D 109 -18.44 36.38 17.74
N GLN D 110 -19.25 37.34 18.17
CA GLN D 110 -18.78 38.43 19.00
C GLN D 110 -18.33 37.96 20.39
N LEU D 111 -17.34 38.65 20.95
CA LEU D 111 -17.04 38.47 22.36
C LEU D 111 -18.27 38.93 23.16
N HIS D 112 -18.60 38.18 24.20
CA HIS D 112 -19.79 38.44 25.00
C HIS D 112 -19.65 39.81 25.63
N ALA D 113 -20.72 40.59 25.56
CA ALA D 113 -20.72 41.97 26.07
C ALA D 113 -20.22 42.03 27.52
N GLY D 114 -20.37 40.92 28.23
CA GLY D 114 -19.93 40.82 29.62
C GLY D 114 -18.44 40.57 29.86
N LEU D 115 -17.66 40.37 28.80
CA LEU D 115 -16.22 40.22 28.94
C LEU D 115 -15.51 41.56 29.02
N HIS D 116 -14.71 41.77 30.07
CA HIS D 116 -13.96 43.01 30.21
C HIS D 116 -12.63 42.90 29.46
N THR D 117 -12.61 43.33 28.21
CA THR D 117 -11.43 43.19 27.34
C THR D 117 -10.38 44.32 27.50
N GLN D 118 -10.40 45.02 28.64
CA GLN D 118 -9.46 46.12 28.89
C GLN D 118 -8.00 45.66 28.96
N ARG D 119 -7.78 44.52 29.59
CA ARG D 119 -6.40 44.12 29.88
C ARG D 119 -5.91 43.03 28.92
N ILE D 120 -6.71 42.78 27.89
CA ILE D 120 -6.33 41.85 26.82
C ILE D 120 -5.51 42.58 25.76
N ASN D 121 -4.32 42.05 25.47
CA ASN D 121 -3.39 42.64 24.49
C ASN D 121 -3.65 42.27 23.04
N ALA D 122 -4.17 41.06 22.81
CA ALA D 122 -4.43 40.57 21.45
C ALA D 122 -5.66 39.65 21.35
N VAL D 123 -6.28 39.63 20.17
CA VAL D 123 -7.34 38.67 19.86
C VAL D 123 -6.89 37.77 18.71
N ILE D 124 -6.98 36.45 18.91
CA ILE D 124 -6.61 35.47 17.93
C ILE D 124 -7.83 34.77 17.40
N ARG D 125 -8.02 34.88 16.09
CA ARG D 125 -9.13 34.23 15.40
C ARG D 125 -8.68 32.86 14.91
N LYS D 126 -9.58 31.88 15.00
CA LYS D 126 -9.28 30.50 14.65
C LYS D 126 -10.47 29.84 13.95
N GLY D 127 -10.20 28.73 13.26
CA GLY D 127 -11.19 28.04 12.43
C GLY D 127 -11.57 28.83 11.18
N VAL D 128 -10.61 29.60 10.69
CA VAL D 128 -10.84 30.73 9.81
C VAL D 128 -11.08 30.35 8.33
N THR D 129 -10.81 29.10 7.96
CA THR D 129 -11.04 28.63 6.57
C THR D 129 -12.04 27.44 6.48
N GLN D 130 -12.76 27.36 5.36
CA GLN D 130 -13.87 26.42 5.17
C GLN D 130 -13.47 24.96 5.36
N GLN D 131 -12.32 24.59 4.81
CA GLN D 131 -11.94 23.19 4.67
C GLN D 131 -11.25 22.57 5.91
N ALA D 132 -11.01 23.38 6.96
CA ALA D 132 -10.27 22.90 8.16
C ALA D 132 -10.55 23.61 9.51
N ASP D 133 -10.86 22.80 10.52
CA ASP D 133 -11.26 23.30 11.85
C ASP D 133 -10.04 23.63 12.70
N SER D 134 -10.25 24.09 13.94
CA SER D 134 -9.17 24.33 14.90
C SER D 134 -9.66 24.69 16.29
N TYR D 135 -9.76 23.68 17.14
CA TYR D 135 -10.09 23.89 18.54
C TYR D 135 -8.92 24.59 19.23
N SER D 136 -7.71 24.10 18.96
CA SER D 136 -6.50 24.73 19.48
C SER D 136 -6.35 26.17 19.01
N ALA D 137 -5.74 27.00 19.85
CA ALA D 137 -5.48 28.40 19.51
C ALA D 137 -4.09 28.61 18.92
N PHE D 138 -3.37 27.53 18.66
CA PHE D 138 -1.98 27.62 18.20
C PHE D 138 -1.79 27.21 16.74
N VAL D 139 -2.57 26.21 16.34
CA VAL D 139 -2.50 25.60 15.00
C VAL D 139 -3.87 25.14 14.55
N GLU D 140 -4.17 25.39 13.27
CA GLU D 140 -5.36 24.83 12.64
C GLU D 140 -5.17 23.34 12.29
N ASP D 141 -6.24 22.68 11.83
CA ASP D 141 -6.19 21.25 11.53
C ASP D 141 -5.34 20.90 10.30
N ASN D 142 -4.90 21.93 9.58
CA ASN D 142 -4.09 21.76 8.35
C ASN D 142 -2.58 21.98 8.60
N GLY D 143 -2.23 22.16 9.87
CA GLY D 143 -0.85 22.41 10.29
C GLY D 143 -0.42 23.85 10.15
N VAL D 144 -1.36 24.71 9.78
CA VAL D 144 -1.06 26.11 9.56
C VAL D 144 -1.10 26.82 10.91
N SER D 145 0.04 27.38 11.30
CA SER D 145 0.16 28.03 12.61
C SER D 145 -0.59 29.35 12.68
N THR D 146 -1.12 29.68 13.85
CA THR D 146 -1.79 30.98 14.06
C THR D 146 -0.79 32.07 14.45
N GLY D 147 0.42 31.65 14.79
CA GLY D 147 1.47 32.57 15.19
C GLY D 147 1.54 32.83 16.66
N LEU D 148 0.59 32.26 17.43
CA LEU D 148 0.52 32.47 18.88
C LEU D 148 1.77 32.00 19.63
N ALA D 149 2.22 30.78 19.36
CA ALA D 149 3.45 30.28 19.96
C ALA D 149 4.58 31.27 19.79
N GLY D 150 4.81 31.69 18.54
CA GLY D 150 5.86 32.65 18.22
C GLY D 150 5.75 33.96 18.99
N LEU D 151 4.56 34.56 18.96
CA LEU D 151 4.25 35.78 19.72
C LEU D 151 4.59 35.65 21.20
N LEU D 152 4.17 34.54 21.81
CA LEU D 152 4.40 34.32 23.24
C LEU D 152 5.88 34.18 23.64
N HIS D 153 6.65 33.42 22.87
CA HIS D 153 8.05 33.19 23.19
C HIS D 153 8.82 34.50 23.09
N SER D 154 8.47 35.28 22.06
CA SER D 154 9.22 36.49 21.71
C SER D 154 9.07 37.60 22.74
N ILE D 155 8.00 37.53 23.54
CA ILE D 155 7.80 38.52 24.58
C ILE D 155 8.28 37.96 25.91
N GLY D 156 8.77 36.73 25.85
CA GLY D 156 9.49 36.12 26.96
C GLY D 156 8.70 35.26 27.91
N ALA D 157 7.46 34.92 27.56
CA ALA D 157 6.60 34.10 28.43
C ALA D 157 7.11 32.68 28.62
N ARG D 158 6.86 32.13 29.80
CA ARG D 158 7.31 30.78 30.12
C ARG D 158 6.16 29.92 30.57
N ARG D 159 5.13 30.56 31.10
CA ARG D 159 4.01 29.85 31.69
C ARG D 159 2.72 30.41 31.13
N VAL D 160 1.83 29.56 30.65
CA VAL D 160 0.50 30.01 30.21
C VAL D 160 -0.63 29.52 31.09
N PHE D 161 -1.50 30.45 31.47
CA PHE D 161 -2.70 30.14 32.23
C PHE D 161 -3.87 30.11 31.25
N VAL D 162 -4.57 28.99 31.21
CA VAL D 162 -5.72 28.82 30.31
C VAL D 162 -7.04 28.77 31.06
N CYS D 163 -8.00 29.56 30.59
CA CYS D 163 -9.38 29.48 31.06
C CYS D 163 -10.32 29.78 29.91
N GLY D 164 -11.61 29.59 30.14
CA GLY D 164 -12.63 29.79 29.11
C GLY D 164 -13.36 28.51 28.74
N VAL D 165 -13.88 28.49 27.51
CA VAL D 165 -14.62 27.35 27.02
C VAL D 165 -14.13 26.99 25.62
N ALA D 166 -14.29 25.73 25.20
CA ALA D 166 -14.84 24.66 26.02
C ALA D 166 -13.71 23.82 26.59
N TYR D 167 -13.88 23.40 27.84
CA TYR D 167 -12.91 22.59 28.56
C TYR D 167 -12.44 21.41 27.73
N ASP D 168 -13.39 20.72 27.13
CA ASP D 168 -13.15 19.49 26.36
C ASP D 168 -12.79 19.77 24.88
N PHE D 169 -12.66 21.03 24.50
CA PHE D 169 -12.29 21.33 23.12
C PHE D 169 -11.19 22.35 22.99
N CYS D 170 -11.54 23.63 22.82
CA CYS D 170 -10.53 24.68 22.77
C CYS D 170 -9.55 24.62 23.94
N VAL D 171 -10.09 24.65 25.16
CA VAL D 171 -9.24 24.71 26.34
C VAL D 171 -8.26 23.57 26.32
N PHE D 172 -8.77 22.35 26.14
CA PHE D 172 -7.96 21.15 26.14
C PHE D 172 -6.89 21.23 25.07
N PHE D 173 -7.32 21.48 23.83
CA PHE D 173 -6.39 21.43 22.71
C PHE D 173 -5.36 22.54 22.75
N THR D 174 -5.75 23.71 23.27
CA THR D 174 -4.86 24.84 23.44
C THR D 174 -3.82 24.52 24.51
N ALA D 175 -4.26 23.93 25.62
CA ALA D 175 -3.38 23.60 26.73
C ALA D 175 -2.38 22.56 26.29
N MET D 176 -2.86 21.61 25.48
CA MET D 176 -2.03 20.52 24.99
C MET D 176 -0.95 21.02 24.04
N ASP D 177 -1.34 21.88 23.08
CA ASP D 177 -0.40 22.45 22.12
C ASP D 177 0.58 23.42 22.78
N ALA D 178 0.11 24.11 23.81
CA ALA D 178 0.98 24.96 24.59
C ALA D 178 2.19 24.15 25.09
N ARG D 179 1.91 22.99 25.70
CA ARG D 179 2.95 22.07 26.17
C ARG D 179 3.91 21.68 25.06
N LYS D 180 3.37 21.31 23.90
CA LYS D 180 4.16 20.97 22.70
C LYS D 180 5.17 22.07 22.31
N ASN D 181 4.87 23.32 22.65
CA ASN D 181 5.76 24.42 22.34
C ASN D 181 6.71 24.74 23.50
N GLY D 182 6.85 23.79 24.42
CA GLY D 182 7.57 24.04 25.65
C GLY D 182 7.05 25.28 26.40
N PHE D 183 5.86 25.19 26.97
CA PHE D 183 5.39 26.17 27.92
C PHE D 183 4.96 25.39 29.16
N SER D 184 5.02 26.03 30.32
CA SER D 184 4.41 25.47 31.51
C SER D 184 2.95 25.86 31.37
N VAL D 185 2.04 25.03 31.84
CA VAL D 185 0.62 25.30 31.64
C VAL D 185 -0.19 25.15 32.93
N VAL D 186 -0.86 26.24 33.31
CA VAL D 186 -1.83 26.14 34.38
C VAL D 186 -3.24 26.34 33.83
N LEU D 187 -4.04 25.28 33.90
CA LEU D 187 -5.47 25.32 33.64
C LEU D 187 -6.19 25.78 34.90
N LEU D 188 -6.94 26.89 34.78
CA LEU D 188 -7.74 27.35 35.90
C LEU D 188 -9.10 26.66 35.86
N GLU D 189 -9.16 25.47 36.46
CA GLU D 189 -10.33 24.57 36.29
C GLU D 189 -11.65 25.14 36.80
N ASP D 190 -11.60 25.98 37.83
CA ASP D 190 -12.81 26.65 38.30
C ASP D 190 -13.31 27.67 37.28
N LEU D 191 -12.47 28.04 36.32
CA LEU D 191 -12.86 28.98 35.27
C LEU D 191 -12.98 28.36 33.86
N THR D 192 -13.54 27.16 33.77
CA THR D 192 -13.85 26.52 32.47
C THR D 192 -15.18 25.75 32.53
N ALA D 193 -15.79 25.51 31.37
CA ALA D 193 -16.98 24.66 31.28
C ALA D 193 -16.94 23.82 30.02
N ALA D 194 -17.58 22.65 30.07
CA ALA D 194 -17.53 21.69 28.98
C ALA D 194 -18.81 21.63 28.14
N VAL D 195 -18.64 21.27 26.87
CA VAL D 195 -19.74 20.97 25.97
C VAL D 195 -20.48 19.74 26.49
N ASP D 196 -19.71 18.69 26.78
CA ASP D 196 -20.25 17.46 27.34
C ASP D 196 -19.37 17.03 28.50
N ASP D 197 -19.93 17.06 29.70
CA ASP D 197 -19.17 16.78 30.92
C ASP D 197 -18.64 15.34 31.03
N ALA D 198 -19.28 14.40 30.33
CA ALA D 198 -18.86 13.01 30.36
C ALA D 198 -17.41 12.84 29.86
N ALA D 199 -16.96 13.78 29.04
CA ALA D 199 -15.61 13.76 28.47
C ALA D 199 -14.51 14.08 29.48
N TRP D 200 -14.92 14.66 30.62
CA TRP D 200 -14.00 15.20 31.63
C TRP D 200 -12.91 14.24 32.06
N SER D 201 -13.32 13.03 32.42
CA SER D 201 -12.39 12.03 32.94
C SER D 201 -11.25 11.73 31.96
N ALA D 202 -11.58 11.65 30.67
CA ALA D 202 -10.63 11.28 29.64
C ALA D 202 -9.67 12.43 29.32
N ARG D 203 -10.23 13.62 29.12
CA ARG D 203 -9.43 14.80 28.81
C ARG D 203 -8.53 15.19 29.98
N THR D 204 -9.09 15.15 31.20
CA THR D 204 -8.32 15.37 32.44
C THR D 204 -7.11 14.45 32.54
N ALA D 205 -7.32 13.15 32.34
CA ALA D 205 -6.25 12.16 32.35
C ALA D 205 -5.13 12.50 31.37
N GLU D 206 -5.51 12.78 30.12
CA GLU D 206 -4.54 13.08 29.08
C GLU D 206 -3.81 14.39 29.37
N LEU D 207 -4.52 15.36 29.94
CA LEU D 207 -3.92 16.61 30.40
C LEU D 207 -2.81 16.39 31.44
N LYS D 208 -3.10 15.58 32.45
CA LYS D 208 -2.14 15.32 33.51
C LYS D 208 -0.92 14.54 33.00
N ASP D 209 -1.15 13.62 32.07
CA ASP D 209 -0.09 12.90 31.36
C ASP D 209 0.76 13.83 30.48
N ALA D 210 0.17 14.91 30.00
CA ALA D 210 0.92 15.88 29.20
C ALA D 210 1.59 16.96 30.06
N GLY D 211 1.46 16.84 31.39
CA GLY D 211 2.18 17.71 32.32
C GLY D 211 1.53 19.04 32.64
N VAL D 212 0.26 19.18 32.26
CA VAL D 212 -0.54 20.36 32.61
C VAL D 212 -0.96 20.26 34.08
N VAL D 213 -0.94 21.37 34.80
CA VAL D 213 -1.39 21.36 36.19
C VAL D 213 -2.74 22.06 36.36
N LEU D 214 -3.67 21.34 36.96
CA LEU D 214 -5.03 21.85 37.15
C LEU D 214 -5.11 22.50 38.51
N LEU D 215 -5.57 23.75 38.52
CA LEU D 215 -5.50 24.60 39.69
C LEU D 215 -6.67 25.56 39.76
N LYS D 216 -7.13 25.84 40.97
CA LYS D 216 -8.19 26.82 41.22
C LYS D 216 -7.61 28.22 41.33
N SER D 217 -8.28 29.18 40.71
CA SER D 217 -7.76 30.55 40.61
C SER D 217 -7.61 31.25 41.95
N SER D 218 -8.29 30.74 42.97
CA SER D 218 -8.15 31.26 44.34
C SER D 218 -6.71 31.16 44.85
N ALA D 219 -5.97 30.16 44.36
CA ALA D 219 -4.57 30.00 44.68
C ALA D 219 -3.66 31.09 44.10
N LEU D 220 -4.13 31.82 43.10
CA LEU D 220 -3.30 32.83 42.42
C LEU D 220 -3.07 34.09 43.26
N VAL D 221 -1.82 34.54 43.36
CA VAL D 221 -1.50 35.82 44.02
C VAL D 221 -0.59 36.72 43.16
N ALA D 222 -0.68 38.04 43.40
CA ALA D 222 -0.08 39.05 42.53
C ALA D 222 1.46 39.08 42.49
N GLU D 223 2.13 39.37 43.61
CA GLU D 223 3.60 39.54 43.63
C GLU D 223 4.11 40.07 44.97
ZN ZN E . 7.19 -22.30 -15.21
N NIO F . 7.22 -21.47 -17.08
C1 NIO F . 7.67 -22.21 -18.08
C2 NIO F . 8.03 -21.63 -19.29
C3 NIO F . 7.92 -20.25 -19.46
C4 NIO F . 7.44 -19.49 -18.39
C5 NIO F . 7.10 -20.15 -17.20
C6 NIO F . 8.56 -22.49 -20.45
O1 NIO F . 8.73 -21.96 -21.57
O2 NIO F . 8.82 -23.69 -20.18
ZN ZN G . -4.12 -54.31 -21.17
N NIO H . -4.36 -54.92 -19.24
C1 NIO H . -3.46 -54.65 -18.31
C2 NIO H . -3.52 -55.28 -17.06
C3 NIO H . -4.54 -56.18 -16.79
C4 NIO H . -5.45 -56.46 -17.79
C5 NIO H . -5.33 -55.81 -19.01
C6 NIO H . -2.49 -54.94 -15.98
O1 NIO H . -2.88 -54.69 -14.82
O2 NIO H . -1.30 -54.92 -16.34
CL CL I . 15.33 -49.37 5.75
ZN ZN J . -3.01 57.22 20.96
N NIO K . -2.94 57.92 19.04
C1 NIO K . -2.49 57.11 18.10
C2 NIO K . -2.16 57.61 16.85
C3 NIO K . -2.31 58.96 16.60
C4 NIO K . -2.80 59.79 17.61
C5 NIO K . -3.10 59.21 18.83
C6 NIO K . -1.63 56.65 15.78
O1 NIO K . -1.75 56.97 14.56
O2 NIO K . -1.10 55.60 16.20
ZN ZN L . -15.91 25.84 15.89
N NIO M . -16.28 25.16 18.04
C1 NIO M . -15.31 25.43 18.92
C2 NIO M . -15.15 24.69 20.10
C3 NIO M . -16.06 23.65 20.33
C4 NIO M . -17.06 23.39 19.40
C5 NIO M . -17.14 24.18 18.24
C6 NIO M . -14.02 25.05 21.11
O1 NIO M . -12.91 25.37 20.63
O2 NIO M . -14.25 25.04 22.34
CL CL N . 4.75 29.88 41.79
#